data_8JBR
#
_entry.id   8JBR
#
_cell.length_a   173.990
_cell.length_b   173.990
_cell.length_c   78.033
_cell.angle_alpha   90.00
_cell.angle_beta   90.00
_cell.angle_gamma   90.00
#
_symmetry.space_group_name_H-M   'I 41'
#
loop_
_entity.id
_entity.type
_entity.pdbx_description
1 polymer 'McyA protein'
2 non-polymer "ADENOSINE-5'-TRIPHOSPHATE"
3 non-polymer "4'-PHOSPHOPANTETHEINE"
4 water water
#
_entity_poly.entity_id   1
_entity_poly.type   'polypeptide(L)'
_entity_poly.pdbx_seq_one_letter_code
;MISQEVRLNLPEEVEDAYPLTALQLGMIFHSEYQGNLSVYHDVFTYHIRADFSFPALHSAIQEIVQRHPVLRTSFALFEY
QEPLQLVHRQIDVPLGLDDLTHLSTSEQDTAIDDWIEREKIRTFDWNIPPLFRFHLHRRSQDNFNLTFSFHHSILDGWSV
ASLLTELLQQYLYLLDKKVLPLSPTPALSFRDFVALEKKTIQSPECQNYWQEKLRDVTLTKLPQWSKSNQVNQDWDWLVP
ISSQVSQGLKQLGKQVGVPLKSVLLAAHFRVLSLLNNQRDIVTGLVSNGRLEAADGEKILGLFLNTLPLRLELSGGPWSD
LVKQAFDVERECLSWRRYPLAELQKSGQPLFDTAFNFIHFHVYQGIIGVKDLEVLGGKFFNQTNFTLLANFSLHPLSSQI
ELTLKYDGNYLGEKQMELIGGYYEKTLIAMATEGLERYETCCLLSEQEQHQLLKEWNDTEVHYPDGCIHQLFEEQVKRSP
DAIAIITENEQLTYRQLNEKANQLGRYLARKGVKSESLVGICLERTPEMVIGLLAILKAGGAYVPLDPAYPTERLNVILE
DAQVSLLLTQAKLVEKLGNYPGNLVILEAEQKNIALESPENLSLPVSSSNTAYVIYTSGSTGKPKGVVIEHHSTTTLLNW
SKEVFSSEELAGVLGSTSICFDLSVFELFLPLAVGGKIILAQNVLDLPSLSAAKEVTLINTVPTAIAQLLEIEAIPETVR
TVNLAGEALSNQLVQKLYQQENIKNVYNLYGPSEDTTYSTFSLVPKGHHGQPSIGRPIANTQVYILDSFKQPVPLGTIGD
LYIGGEGLARCYLNQPELTAEKFISNPFSNEPNAKLYKTGDLARYLPDGNIDFLGRGDNQVKLRGFRIELGEIEATLGTY
PPVKQAVVKVWEDSYRNKRLVAYLVAENDPINTEDLRRFLGQKLPEYMIPALFVSLEALPLTPNGKIDRSRLPIPEIPST
SEQDFVPPHTQKEKILASIWQDILSIKQVSRYDRFFEVGGDSIISIQVVARARQAGLKITPKQIFEYPTLAELATVADYS
T
;
_entity_poly.pdbx_strand_id   A
#
loop_
_chem_comp.id
_chem_comp.type
_chem_comp.name
_chem_comp.formula
ATP non-polymer ADENOSINE-5'-TRIPHOSPHATE 'C10 H16 N5 O13 P3'
PNS non-polymer 4'-PHOSPHOPANTETHEINE 'C11 H23 N2 O7 P S'
#
# COMPACT_ATOMS: atom_id res chain seq x y z
N GLN A 4 40.30 29.08 -19.13
CA GLN A 4 39.45 27.91 -19.41
C GLN A 4 39.72 27.32 -20.76
N GLU A 5 40.24 26.10 -20.86
CA GLU A 5 40.54 25.53 -22.15
C GLU A 5 39.33 24.77 -22.68
N VAL A 6 38.11 25.17 -22.32
CA VAL A 6 36.90 24.47 -22.72
C VAL A 6 36.07 25.53 -23.43
N ARG A 7 35.97 26.70 -22.79
CA ARG A 7 35.45 27.92 -23.39
C ARG A 7 36.05 28.15 -24.78
N LEU A 8 37.36 27.93 -24.92
CA LEU A 8 38.08 28.10 -26.18
C LEU A 8 38.42 26.79 -26.87
N ASN A 9 38.00 25.65 -26.33
CA ASN A 9 38.09 24.39 -27.06
C ASN A 9 36.68 23.91 -27.42
N LEU A 10 35.86 24.83 -27.92
CA LEU A 10 34.53 24.58 -28.45
C LEU A 10 34.55 24.71 -29.97
N PRO A 11 33.71 23.94 -30.67
CA PRO A 11 33.51 24.19 -32.10
C PRO A 11 33.10 25.65 -32.34
N GLU A 12 33.53 26.18 -33.49
CA GLU A 12 33.07 27.49 -33.91
C GLU A 12 31.56 27.52 -34.13
N GLU A 13 30.97 26.35 -34.39
CA GLU A 13 29.51 26.21 -34.34
C GLU A 13 28.96 26.83 -33.06
N VAL A 14 29.47 26.36 -31.93
CA VAL A 14 28.95 26.73 -30.62
C VAL A 14 29.47 28.10 -30.23
N GLU A 15 28.59 28.96 -29.72
CA GLU A 15 29.05 30.25 -29.23
C GLU A 15 29.10 30.30 -27.70
N ASP A 16 28.29 29.48 -27.03
CA ASP A 16 28.24 29.46 -25.57
C ASP A 16 28.06 28.03 -25.09
N ALA A 17 28.57 27.75 -23.89
CA ALA A 17 28.47 26.42 -23.30
C ALA A 17 28.28 26.56 -21.81
N TYR A 18 27.32 25.82 -21.25
CA TYR A 18 27.11 25.86 -19.81
C TYR A 18 26.41 24.58 -19.35
N PRO A 19 26.58 24.19 -18.09
CA PRO A 19 26.12 22.87 -17.64
C PRO A 19 24.60 22.75 -17.67
N LEU A 20 24.15 21.50 -17.57
CA LEU A 20 22.73 21.20 -17.44
C LEU A 20 22.30 21.33 -15.99
N THR A 21 21.04 21.68 -15.79
CA THR A 21 20.45 21.65 -14.46
C THR A 21 20.19 20.21 -14.06
N ALA A 22 19.99 20.00 -12.75
CA ALA A 22 19.63 18.67 -12.27
C ALA A 22 18.30 18.21 -12.86
N LEU A 23 17.41 19.15 -13.18
CA LEU A 23 16.13 18.78 -13.78
C LEU A 23 16.31 18.35 -15.23
N GLN A 24 17.08 19.12 -16.01
CA GLN A 24 17.32 18.74 -17.41
C GLN A 24 17.88 17.33 -17.49
N LEU A 25 18.88 17.02 -16.67
CA LEU A 25 19.40 15.67 -16.60
C LEU A 25 18.36 14.71 -16.04
N GLY A 26 17.52 15.19 -15.11
CA GLY A 26 16.43 14.36 -14.63
C GLY A 26 15.44 14.02 -15.74
N MET A 27 15.20 14.98 -16.64
CA MET A 27 14.19 14.74 -17.67
C MET A 27 14.71 13.76 -18.72
N ILE A 28 15.94 13.96 -19.23
CA ILE A 28 16.50 13.00 -20.18
C ILE A 28 16.58 11.63 -19.53
N PHE A 29 16.83 11.60 -18.22
CA PHE A 29 16.87 10.33 -17.50
C PHE A 29 15.55 9.60 -17.65
N HIS A 30 14.46 10.33 -17.47
CA HIS A 30 13.13 9.73 -17.57
C HIS A 30 12.75 9.48 -19.02
N SER A 31 13.08 10.41 -19.92
CA SER A 31 12.79 10.21 -21.34
C SER A 31 13.40 8.91 -21.85
N GLU A 32 14.66 8.65 -21.49
CA GLU A 32 15.39 7.48 -21.97
C GLU A 32 15.54 6.40 -20.92
N TYR A 33 14.65 6.38 -19.90
CA TYR A 33 14.73 5.32 -18.90
C TYR A 33 14.57 3.95 -19.54
N GLN A 34 13.66 3.83 -20.50
CA GLN A 34 13.53 2.62 -21.30
C GLN A 34 13.52 3.02 -22.77
N GLY A 35 12.94 2.16 -23.60
CA GLY A 35 12.65 2.45 -24.99
C GLY A 35 11.25 2.95 -25.25
N ASN A 36 10.42 3.09 -24.22
CA ASN A 36 9.08 3.65 -24.41
C ASN A 36 9.18 5.07 -24.97
N LEU A 37 9.95 5.93 -24.30
CA LEU A 37 10.37 7.22 -24.84
C LEU A 37 9.19 8.13 -25.14
N SER A 38 8.31 8.28 -24.15
CA SER A 38 7.14 9.15 -24.27
C SER A 38 7.09 10.25 -23.22
N VAL A 39 7.76 10.09 -22.08
CA VAL A 39 7.76 11.11 -21.03
C VAL A 39 8.71 12.25 -21.39
N TYR A 40 8.23 13.47 -21.15
CA TYR A 40 8.96 14.72 -21.35
C TYR A 40 9.30 14.98 -22.81
N HIS A 41 8.66 14.27 -23.74
CA HIS A 41 8.64 14.62 -25.16
C HIS A 41 7.22 15.11 -25.46
N ASP A 42 7.07 16.44 -25.52
CA ASP A 42 5.76 17.04 -25.70
C ASP A 42 5.48 17.29 -27.18
N VAL A 43 4.23 17.04 -27.58
CA VAL A 43 3.77 17.25 -28.96
C VAL A 43 2.47 18.03 -28.89
N PHE A 44 2.50 19.28 -29.34
CA PHE A 44 1.32 20.16 -29.34
C PHE A 44 0.89 20.41 -30.78
N THR A 45 -0.40 20.25 -31.05
CA THR A 45 -0.96 20.48 -32.37
C THR A 45 -2.01 21.59 -32.31
N TYR A 46 -2.34 22.16 -33.47
CA TYR A 46 -3.27 23.28 -33.56
C TYR A 46 -4.00 23.23 -34.89
N HIS A 47 -5.33 23.12 -34.84
CA HIS A 47 -6.17 23.20 -36.03
C HIS A 47 -6.56 24.66 -36.24
N ILE A 48 -6.35 25.18 -37.45
CA ILE A 48 -6.39 26.63 -37.68
C ILE A 48 -7.11 26.93 -38.99
N ARG A 49 -8.08 27.84 -38.91
CA ARG A 49 -8.71 28.47 -40.07
C ARG A 49 -7.94 29.74 -40.40
N ALA A 50 -7.34 29.80 -41.60
CA ALA A 50 -6.42 30.90 -41.90
C ALA A 50 -6.05 30.92 -43.38
N ASP A 51 -5.13 31.82 -43.72
CA ASP A 51 -4.36 31.78 -44.96
C ASP A 51 -2.91 31.53 -44.57
N PHE A 52 -2.30 30.50 -45.15
CA PHE A 52 -1.02 30.03 -44.67
C PHE A 52 0.06 31.02 -45.10
N SER A 53 1.30 30.76 -44.68
CA SER A 53 2.44 31.32 -45.38
C SER A 53 3.71 30.51 -45.05
N PHE A 54 3.79 29.33 -45.63
CA PHE A 54 4.83 28.30 -45.53
C PHE A 54 6.23 28.89 -45.63
N PRO A 55 6.46 29.95 -46.45
CA PRO A 55 7.73 30.66 -46.35
C PRO A 55 7.83 31.61 -45.17
N ALA A 56 6.79 32.43 -44.93
CA ALA A 56 6.85 33.33 -43.78
C ALA A 56 6.76 32.55 -42.47
N LEU A 57 5.96 31.48 -42.45
CA LEU A 57 5.94 30.59 -41.30
C LEU A 57 7.33 30.05 -41.01
N HIS A 58 8.02 29.57 -42.05
CA HIS A 58 9.37 29.06 -41.87
C HIS A 58 10.31 30.15 -41.37
N SER A 59 10.38 31.27 -42.10
CA SER A 59 11.30 32.33 -41.72
C SER A 59 11.01 32.82 -40.31
N ALA A 60 9.73 32.88 -39.94
CA ALA A 60 9.36 33.27 -38.58
C ALA A 60 9.99 32.32 -37.55
N ILE A 61 10.10 31.04 -37.89
CA ILE A 61 10.79 30.10 -37.00
C ILE A 61 12.26 30.46 -36.91
N GLN A 62 12.89 30.79 -38.04
CA GLN A 62 14.30 31.16 -38.03
C GLN A 62 14.55 32.42 -37.21
N GLU A 63 13.58 33.34 -37.18
CA GLU A 63 13.72 34.51 -36.33
C GLU A 63 13.69 34.14 -34.86
N ILE A 64 12.83 33.19 -34.49
CA ILE A 64 12.69 32.83 -33.08
C ILE A 64 13.87 31.98 -32.61
N VAL A 65 14.36 31.07 -33.45
CA VAL A 65 15.41 30.17 -33.01
C VAL A 65 16.71 30.92 -32.75
N GLN A 66 17.06 31.87 -33.63
CA GLN A 66 18.21 32.73 -33.39
C GLN A 66 17.96 33.68 -32.22
N ARG A 67 16.69 33.88 -31.85
CA ARG A 67 16.36 34.81 -30.77
C ARG A 67 16.71 34.25 -29.40
N HIS A 68 16.71 32.92 -29.25
CA HIS A 68 16.82 32.31 -27.92
C HIS A 68 17.89 31.22 -27.94
N PRO A 69 18.95 31.35 -27.14
CA PRO A 69 20.00 30.31 -27.10
C PRO A 69 19.48 28.91 -26.79
N VAL A 70 18.47 28.79 -25.92
CA VAL A 70 17.94 27.47 -25.60
C VAL A 70 17.34 26.81 -26.84
N LEU A 71 16.85 27.61 -27.78
CA LEU A 71 16.31 27.08 -29.03
C LEU A 71 17.40 26.75 -30.04
N ARG A 72 18.67 26.92 -29.69
CA ARG A 72 19.80 26.47 -30.49
C ARG A 72 20.72 25.57 -29.67
N THR A 73 20.19 24.97 -28.60
CA THR A 73 21.02 24.26 -27.63
C THR A 73 21.19 22.81 -28.04
N SER A 74 22.43 22.34 -27.99
CA SER A 74 22.76 20.93 -28.06
C SER A 74 23.14 20.44 -26.66
N PHE A 75 23.11 19.12 -26.49
CA PHE A 75 23.53 18.50 -25.24
C PHE A 75 24.79 17.69 -25.48
N ALA A 76 25.83 17.97 -24.69
CA ALA A 76 27.06 17.20 -24.68
C ALA A 76 27.18 16.55 -23.30
N LEU A 77 26.87 15.25 -23.23
CA LEU A 77 26.71 14.58 -21.94
C LEU A 77 28.04 14.05 -21.41
N PHE A 78 28.63 13.08 -22.10
CA PHE A 78 29.71 12.28 -21.54
C PHE A 78 31.10 12.85 -21.81
N GLU A 79 31.33 13.34 -23.03
CA GLU A 79 32.63 13.80 -23.50
C GLU A 79 33.32 14.82 -22.60
N TYR A 80 32.57 15.67 -21.91
CA TYR A 80 33.16 16.70 -21.05
C TYR A 80 33.19 16.23 -19.59
N GLN A 81 33.67 17.12 -18.73
CA GLN A 81 33.76 16.85 -17.30
C GLN A 81 32.38 16.60 -16.72
N GLU A 82 31.53 17.62 -16.75
CA GLU A 82 30.12 17.50 -16.45
C GLU A 82 29.31 17.61 -17.74
N PRO A 83 28.16 16.94 -17.84
CA PRO A 83 27.22 17.26 -18.92
C PRO A 83 26.93 18.75 -18.97
N LEU A 84 26.93 19.31 -20.17
CA LEU A 84 26.77 20.75 -20.33
C LEU A 84 26.07 21.05 -21.66
N GLN A 85 25.36 22.18 -21.69
CA GLN A 85 24.60 22.59 -22.86
C GLN A 85 25.49 23.39 -23.80
N LEU A 86 25.48 23.03 -25.07
CA LEU A 86 26.23 23.73 -26.10
C LEU A 86 25.26 24.58 -26.92
N VAL A 87 25.50 25.88 -26.97
CA VAL A 87 24.62 26.82 -27.64
C VAL A 87 25.19 27.10 -29.02
N HIS A 88 24.54 26.58 -30.06
CA HIS A 88 25.01 26.76 -31.42
C HIS A 88 24.65 28.15 -31.93
N ARG A 89 25.49 28.68 -32.83
CA ARG A 89 25.37 30.07 -33.23
C ARG A 89 24.21 30.32 -34.20
N GLN A 90 23.88 29.37 -35.06
CA GLN A 90 22.67 29.48 -35.86
C GLN A 90 22.38 28.12 -36.46
N ILE A 91 21.10 27.83 -36.68
CA ILE A 91 20.69 26.53 -37.23
C ILE A 91 19.55 26.75 -38.22
N ASP A 92 19.54 25.94 -39.28
CA ASP A 92 18.41 25.87 -40.18
C ASP A 92 17.44 24.80 -39.68
N VAL A 93 16.15 25.12 -39.72
CA VAL A 93 15.13 24.22 -39.16
C VAL A 93 13.96 24.10 -40.13
N PRO A 94 13.72 22.92 -40.68
CA PRO A 94 12.68 22.76 -41.70
C PRO A 94 11.29 22.75 -41.08
N LEU A 95 10.30 22.86 -41.96
CA LEU A 95 8.89 22.75 -41.59
C LEU A 95 8.29 21.62 -42.41
N GLY A 96 7.98 20.49 -41.76
CA GLY A 96 7.37 19.39 -42.45
C GLY A 96 5.98 19.73 -42.93
N LEU A 97 5.58 19.11 -44.04
CA LEU A 97 4.28 19.36 -44.65
C LEU A 97 3.67 18.06 -45.12
N ASP A 98 2.35 17.94 -44.94
CA ASP A 98 1.55 16.90 -45.59
C ASP A 98 0.26 17.54 -46.09
N ASP A 99 -0.08 17.29 -47.33
CA ASP A 99 -1.36 17.70 -47.89
C ASP A 99 -2.33 16.52 -47.84
N LEU A 100 -3.48 16.73 -47.21
CA LEU A 100 -4.49 15.70 -47.08
C LEU A 100 -5.88 16.31 -47.28
N THR A 101 -6.03 17.11 -48.34
CA THR A 101 -7.33 17.64 -48.71
C THR A 101 -8.22 16.55 -49.29
N HIS A 102 -7.64 15.55 -49.95
CA HIS A 102 -8.38 14.45 -50.56
C HIS A 102 -9.13 13.59 -49.55
N LEU A 103 -8.99 13.85 -48.25
CA LEU A 103 -9.60 13.02 -47.23
C LEU A 103 -10.68 13.80 -46.48
N SER A 104 -11.74 13.11 -46.08
CA SER A 104 -12.78 13.73 -45.29
C SER A 104 -12.24 14.15 -43.93
N THR A 105 -12.98 15.03 -43.25
CA THR A 105 -12.50 15.64 -42.02
C THR A 105 -12.25 14.60 -40.94
N SER A 106 -13.10 13.56 -40.87
CA SER A 106 -12.86 12.49 -39.90
C SER A 106 -11.60 11.71 -40.25
N GLU A 107 -11.37 11.46 -41.54
CA GLU A 107 -10.12 10.81 -41.95
C GLU A 107 -8.91 11.69 -41.67
N GLN A 108 -9.11 13.01 -41.62
CA GLN A 108 -7.97 13.91 -41.47
C GLN A 108 -7.38 13.84 -40.06
N ASP A 109 -8.24 13.76 -39.04
CA ASP A 109 -7.72 13.64 -37.68
C ASP A 109 -7.14 12.26 -37.40
N THR A 110 -7.69 11.22 -38.04
CA THR A 110 -7.11 9.89 -37.93
C THR A 110 -5.66 9.90 -38.40
N ALA A 111 -5.38 10.56 -39.53
CA ALA A 111 -4.02 10.65 -40.04
C ALA A 111 -3.15 11.63 -39.26
N ILE A 112 -3.75 12.62 -38.59
CA ILE A 112 -2.96 13.56 -37.80
C ILE A 112 -2.54 12.94 -36.48
N ASP A 113 -3.52 12.41 -35.73
CA ASP A 113 -3.19 11.68 -34.50
C ASP A 113 -2.21 10.55 -34.81
N ASP A 114 -2.37 9.89 -35.96
CA ASP A 114 -1.39 8.91 -36.40
C ASP A 114 0.00 9.53 -36.48
N TRP A 115 0.11 10.75 -37.00
CA TRP A 115 1.41 11.41 -37.10
C TRP A 115 1.97 11.72 -35.72
N ILE A 116 1.13 12.20 -34.80
CA ILE A 116 1.60 12.52 -33.46
C ILE A 116 2.00 11.26 -32.71
N GLU A 117 1.19 10.20 -32.80
CA GLU A 117 1.52 8.95 -32.14
C GLU A 117 2.88 8.42 -32.60
N ARG A 118 3.20 8.63 -33.88
CA ARG A 118 4.52 8.26 -34.36
C ARG A 118 5.60 9.20 -33.83
N GLU A 119 5.27 10.50 -33.76
CA GLU A 119 6.30 11.50 -33.48
C GLU A 119 6.72 11.49 -32.01
N LYS A 120 5.77 11.27 -31.09
CA LYS A 120 6.07 11.47 -29.69
C LYS A 120 7.09 10.47 -29.15
N ILE A 121 7.15 9.26 -29.70
CA ILE A 121 8.18 8.30 -29.30
C ILE A 121 9.43 8.41 -30.18
N ARG A 122 9.45 9.34 -31.12
CA ARG A 122 10.60 9.54 -32.01
C ARG A 122 11.59 10.44 -31.28
N THR A 123 12.63 9.82 -30.71
CA THR A 123 13.53 10.52 -29.81
C THR A 123 14.31 11.61 -30.55
N PHE A 124 14.79 12.57 -29.77
CA PHE A 124 15.68 13.60 -30.30
C PHE A 124 17.13 13.16 -30.12
N ASP A 125 17.97 13.62 -31.04
CA ASP A 125 19.41 13.44 -30.93
C ASP A 125 19.97 14.67 -30.22
N TRP A 126 20.38 14.48 -28.97
CA TRP A 126 20.75 15.62 -28.12
C TRP A 126 21.87 16.44 -28.75
N ASN A 127 22.93 15.76 -29.21
CA ASN A 127 24.12 16.46 -29.66
C ASN A 127 23.89 17.26 -30.94
N ILE A 128 22.88 16.92 -31.73
CA ILE A 128 22.55 17.64 -32.95
C ILE A 128 21.35 18.54 -32.66
N PRO A 129 21.46 19.85 -32.83
CA PRO A 129 20.30 20.73 -32.68
C PRO A 129 19.44 20.71 -33.93
N PRO A 130 18.19 21.19 -33.86
CA PRO A 130 17.50 21.66 -32.65
C PRO A 130 16.79 20.52 -31.92
N LEU A 131 16.44 20.75 -30.66
CA LEU A 131 15.68 19.77 -29.90
C LEU A 131 14.18 19.94 -30.08
N PHE A 132 13.74 20.22 -31.31
CA PHE A 132 12.32 20.38 -31.59
C PHE A 132 12.09 20.27 -33.10
N ARG A 133 10.82 20.05 -33.45
CA ARG A 133 10.40 20.00 -34.84
C ARG A 133 9.04 20.67 -34.98
N PHE A 134 8.81 21.26 -36.15
CA PHE A 134 7.53 21.83 -36.53
C PHE A 134 6.95 21.03 -37.68
N HIS A 135 5.63 21.10 -37.86
CA HIS A 135 5.01 20.35 -38.95
C HIS A 135 3.65 20.93 -39.29
N LEU A 136 3.27 20.76 -40.57
CA LEU A 136 2.02 21.27 -41.11
C LEU A 136 1.24 20.14 -41.79
N HIS A 137 -0.05 20.04 -41.48
CA HIS A 137 -0.99 19.22 -42.23
C HIS A 137 -2.01 20.15 -42.87
N ARG A 138 -2.18 20.05 -44.19
CA ARG A 138 -3.14 20.89 -44.88
C ARG A 138 -4.43 20.12 -45.12
N ARG A 139 -5.55 20.79 -44.85
CA ARG A 139 -6.87 20.19 -44.92
C ARG A 139 -7.69 20.91 -45.99
N SER A 140 -8.08 22.14 -45.73
CA SER A 140 -8.53 23.07 -46.76
C SER A 140 -7.50 24.18 -46.91
N GLN A 141 -7.70 25.03 -47.91
CA GLN A 141 -6.83 26.19 -48.07
C GLN A 141 -6.96 27.17 -46.92
N ASP A 142 -7.79 26.85 -45.94
CA ASP A 142 -7.95 27.68 -44.76
C ASP A 142 -7.87 26.85 -43.48
N ASN A 143 -8.24 25.57 -43.50
CA ASN A 143 -7.99 24.69 -42.36
C ASN A 143 -6.62 24.03 -42.50
N PHE A 144 -5.75 24.24 -41.51
CA PHE A 144 -4.45 23.57 -41.47
C PHE A 144 -3.99 23.38 -40.03
N ASN A 145 -3.36 22.23 -39.78
CA ASN A 145 -2.74 21.89 -38.50
C ASN A 145 -1.26 22.24 -38.46
N LEU A 146 -0.88 22.95 -37.40
CA LEU A 146 0.51 23.23 -37.05
C LEU A 146 0.85 22.47 -35.79
N THR A 147 1.88 21.63 -35.86
CA THR A 147 2.28 20.76 -34.76
C THR A 147 3.69 21.13 -34.31
N PHE A 148 3.88 21.21 -32.99
CA PHE A 148 5.18 21.52 -32.39
C PHE A 148 5.59 20.36 -31.50
N SER A 149 6.69 19.70 -31.86
CA SER A 149 7.22 18.57 -31.10
C SER A 149 8.57 18.98 -30.53
N PHE A 150 8.72 18.87 -29.21
CA PHE A 150 9.91 19.36 -28.55
C PHE A 150 10.19 18.51 -27.32
N HIS A 151 11.39 18.68 -26.76
CA HIS A 151 11.77 18.00 -25.53
C HIS A 151 11.64 18.96 -24.35
N HIS A 152 11.14 18.44 -23.23
CA HIS A 152 10.81 19.27 -22.09
C HIS A 152 12.04 19.83 -21.38
N SER A 153 13.22 19.24 -21.61
CA SER A 153 14.43 19.78 -20.99
C SER A 153 14.82 21.13 -21.56
N ILE A 154 14.25 21.50 -22.71
CA ILE A 154 14.53 22.79 -23.33
C ILE A 154 13.50 23.84 -22.91
N LEU A 155 12.23 23.45 -22.81
CA LEU A 155 11.14 24.40 -22.62
C LEU A 155 10.16 23.92 -21.57
N ASP A 156 9.76 24.83 -20.68
CA ASP A 156 8.60 24.59 -19.85
C ASP A 156 7.35 25.09 -20.57
N GLY A 157 6.18 24.72 -20.03
CA GLY A 157 4.93 25.15 -20.64
C GLY A 157 4.81 26.65 -20.75
N TRP A 158 5.40 27.38 -19.80
CA TRP A 158 5.43 28.84 -19.89
C TRP A 158 6.31 29.30 -21.05
N SER A 159 7.51 28.72 -21.17
CA SER A 159 8.37 29.06 -22.29
C SER A 159 7.67 28.85 -23.62
N VAL A 160 6.96 27.73 -23.76
CA VAL A 160 6.23 27.46 -25.00
C VAL A 160 5.18 28.53 -25.26
N ALA A 161 4.47 28.95 -24.20
CA ALA A 161 3.40 29.93 -24.35
C ALA A 161 3.91 31.20 -25.02
N SER A 162 4.95 31.80 -24.46
CA SER A 162 5.51 33.02 -25.04
C SER A 162 6.38 32.75 -26.25
N LEU A 163 6.85 31.51 -26.43
CA LEU A 163 7.52 31.15 -27.68
C LEU A 163 6.54 31.24 -28.85
N LEU A 164 5.35 30.68 -28.67
CA LEU A 164 4.38 30.72 -29.76
C LEU A 164 3.90 32.15 -29.96
N THR A 165 3.88 32.94 -28.88
CA THR A 165 3.40 34.32 -28.94
C THR A 165 4.32 35.19 -29.78
N GLU A 166 5.63 35.17 -29.49
CA GLU A 166 6.59 35.88 -30.30
C GLU A 166 6.49 35.46 -31.76
N LEU A 167 6.28 34.16 -32.00
CA LEU A 167 6.06 33.65 -33.35
C LEU A 167 4.96 34.43 -34.05
N LEU A 168 3.73 34.30 -33.55
CA LEU A 168 2.56 34.72 -34.30
C LEU A 168 2.48 36.23 -34.51
N GLN A 169 3.28 37.02 -33.79
CA GLN A 169 3.39 38.43 -34.06
C GLN A 169 4.72 38.78 -34.71
N GLN A 170 5.44 37.76 -35.19
CA GLN A 170 6.43 37.92 -36.25
C GLN A 170 6.06 37.13 -37.51
N TYR A 171 5.05 36.26 -37.42
CA TYR A 171 4.46 35.65 -38.61
C TYR A 171 3.54 36.63 -39.32
N LEU A 172 2.70 37.34 -38.55
CA LEU A 172 1.82 38.35 -39.14
C LEU A 172 2.59 39.60 -39.53
N TYR A 173 3.67 39.91 -38.80
CA TYR A 173 4.57 40.99 -39.17
C TYR A 173 4.97 40.88 -40.63
N LEU A 174 5.29 39.67 -41.08
CA LEU A 174 5.64 39.39 -42.47
C LEU A 174 4.42 39.05 -43.31
N LEU A 175 3.27 39.66 -43.04
CA LEU A 175 2.04 39.38 -43.77
C LEU A 175 1.18 40.60 -44.05
N ASP A 176 1.53 41.78 -43.51
CA ASP A 176 0.79 43.02 -43.73
C ASP A 176 -0.67 42.89 -43.28
N LYS A 177 -0.89 42.15 -42.19
CA LYS A 177 -2.18 42.11 -41.51
C LYS A 177 -2.22 43.09 -40.35
N LYS A 178 -1.20 43.03 -39.50
CA LYS A 178 -0.77 44.12 -38.65
C LYS A 178 0.73 43.92 -38.49
N VAL A 179 1.50 44.98 -38.68
CA VAL A 179 2.93 44.93 -38.38
C VAL A 179 3.12 45.23 -36.90
N LEU A 180 3.67 44.27 -36.17
CA LEU A 180 3.91 44.38 -34.74
C LEU A 180 5.36 44.01 -34.49
N PRO A 181 6.22 44.99 -34.24
CA PRO A 181 7.66 44.71 -34.15
C PRO A 181 8.02 44.02 -32.83
N LEU A 182 8.98 43.11 -32.91
CA LEU A 182 9.40 42.31 -31.77
C LEU A 182 10.52 43.01 -31.01
N SER A 183 10.44 42.98 -29.70
CA SER A 183 11.42 43.74 -28.94
C SER A 183 12.65 42.88 -28.65
N PRO A 184 13.83 43.50 -28.54
CA PRO A 184 15.05 42.71 -28.35
C PRO A 184 15.05 41.95 -27.03
N THR A 185 15.89 40.92 -26.98
CA THR A 185 15.98 40.10 -25.78
C THR A 185 16.58 40.90 -24.63
N PRO A 186 16.18 40.59 -23.39
CA PRO A 186 16.64 41.41 -22.25
C PRO A 186 18.00 40.98 -21.74
N ALA A 187 18.39 41.49 -20.57
CA ALA A 187 19.46 40.87 -19.82
C ALA A 187 19.04 39.45 -19.50
N LEU A 188 19.19 38.55 -20.48
CA LEU A 188 18.62 37.22 -20.38
C LEU A 188 19.76 36.20 -20.37
N SER A 189 19.61 35.17 -19.54
CA SER A 189 20.37 33.95 -19.74
C SER A 189 19.77 32.80 -18.94
N PHE A 190 19.42 31.72 -19.63
CA PHE A 190 19.18 30.46 -18.96
C PHE A 190 20.38 30.02 -18.13
N ARG A 191 21.59 30.49 -18.46
CA ARG A 191 22.75 30.25 -17.61
C ARG A 191 22.65 31.03 -16.31
N ASP A 192 22.24 32.30 -16.37
CA ASP A 192 22.04 33.08 -15.15
C ASP A 192 21.22 32.30 -14.14
N PHE A 193 20.26 31.52 -14.64
CA PHE A 193 19.56 30.57 -13.78
C PHE A 193 20.43 29.36 -13.45
N VAL A 194 21.12 28.81 -14.46
CA VAL A 194 22.00 27.67 -14.20
C VAL A 194 23.12 28.06 -13.24
N ALA A 195 23.63 29.28 -13.36
CA ALA A 195 24.63 29.77 -12.42
C ALA A 195 24.01 30.01 -11.05
N LEU A 196 22.80 30.58 -11.02
CA LEU A 196 22.14 30.85 -9.75
C LEU A 196 21.76 29.55 -9.04
N GLU A 197 21.53 28.47 -9.79
CA GLU A 197 21.11 27.24 -9.14
C GLU A 197 22.33 26.50 -8.57
N LYS A 198 23.50 26.77 -9.13
CA LYS A 198 24.75 26.21 -8.63
C LYS A 198 25.15 26.82 -7.30
N LYS A 199 25.15 28.16 -7.24
CA LYS A 199 25.35 28.87 -5.98
C LYS A 199 24.44 28.34 -4.89
N THR A 200 23.23 27.92 -5.25
CA THR A 200 22.22 27.53 -4.28
C THR A 200 22.45 26.14 -3.71
N ILE A 201 23.08 25.24 -4.48
CA ILE A 201 23.26 23.87 -4.00
C ILE A 201 24.26 23.82 -2.84
N GLN A 202 25.26 24.70 -2.85
CA GLN A 202 26.25 24.72 -1.78
C GLN A 202 25.92 25.72 -0.68
N SER A 203 24.75 26.37 -0.72
CA SER A 203 24.40 27.33 0.32
C SER A 203 23.90 26.58 1.54
N PRO A 204 24.53 26.75 2.71
CA PRO A 204 24.12 25.97 3.89
C PRO A 204 22.73 26.32 4.41
N GLU A 205 22.17 27.49 4.08
CA GLU A 205 20.87 27.83 4.62
C GLU A 205 19.73 27.10 3.92
N CYS A 206 19.88 26.79 2.64
CA CYS A 206 18.88 25.99 1.94
C CYS A 206 18.92 24.54 2.41
N GLN A 207 20.12 23.97 2.49
CA GLN A 207 20.27 22.57 2.90
C GLN A 207 19.68 22.36 4.29
N ASN A 208 20.07 23.18 5.26
CA ASN A 208 19.61 22.99 6.63
C ASN A 208 18.12 23.23 6.77
N TYR A 209 17.57 24.17 6.01
CA TYR A 209 16.13 24.44 6.05
C TYR A 209 15.34 23.18 5.68
N TRP A 210 15.57 22.67 4.47
CA TRP A 210 14.88 21.46 4.04
C TRP A 210 15.23 20.27 4.92
N GLN A 211 16.44 20.26 5.50
CA GLN A 211 16.78 19.22 6.46
C GLN A 211 15.87 19.27 7.68
N GLU A 212 15.55 20.47 8.14
CA GLU A 212 14.65 20.62 9.28
C GLU A 212 13.20 20.38 8.87
N LYS A 213 12.79 20.92 7.73
CA LYS A 213 11.40 20.76 7.29
C LYS A 213 11.06 19.30 7.03
N LEU A 214 12.02 18.51 6.54
CA LEU A 214 11.78 17.13 6.17
C LEU A 214 12.23 16.13 7.24
N ARG A 215 12.59 16.62 8.43
CA ARG A 215 13.06 15.73 9.48
C ARG A 215 11.91 14.88 10.00
N ASP A 216 12.04 13.56 9.86
CA ASP A 216 11.02 12.60 10.28
C ASP A 216 9.70 12.81 9.51
N VAL A 217 9.81 13.00 8.21
CA VAL A 217 8.64 12.92 7.34
C VAL A 217 8.11 11.49 7.31
N THR A 218 6.85 11.37 6.91
CA THR A 218 6.23 10.09 6.57
C THR A 218 5.98 10.13 5.06
N LEU A 219 6.96 9.64 4.30
CA LEU A 219 6.77 9.51 2.87
C LEU A 219 5.64 8.52 2.60
N THR A 220 4.96 8.71 1.46
CA THR A 220 3.85 7.84 1.08
C THR A 220 3.86 7.58 -0.41
N LYS A 221 3.73 6.31 -0.78
CA LYS A 221 3.34 5.92 -2.13
C LYS A 221 1.82 5.80 -2.19
N LEU A 222 1.26 6.17 -3.35
CA LEU A 222 -0.16 5.98 -3.56
C LEU A 222 -0.46 4.48 -3.62
N PRO A 223 -1.66 4.08 -3.20
CA PRO A 223 -2.06 2.68 -3.38
C PRO A 223 -2.15 2.33 -4.86
N GLN A 224 -1.80 1.08 -5.18
CA GLN A 224 -1.90 0.58 -6.55
C GLN A 224 -2.60 -0.77 -6.53
N TRP A 225 -3.75 -0.85 -7.22
CA TRP A 225 -4.41 -2.13 -7.43
C TRP A 225 -4.93 -2.25 -8.85
N SER A 226 -4.33 -1.53 -9.79
CA SER A 226 -4.78 -1.54 -11.17
C SER A 226 -3.70 -0.94 -12.06
N LYS A 227 -3.83 -1.18 -13.36
CA LYS A 227 -2.94 -0.63 -14.36
C LYS A 227 -3.76 -0.16 -15.55
N SER A 228 -3.19 0.78 -16.31
CA SER A 228 -3.75 1.16 -17.60
C SER A 228 -3.13 0.23 -18.65
N ASN A 229 -3.82 -0.86 -18.92
CA ASN A 229 -3.50 -1.76 -20.03
C ASN A 229 -4.49 -1.59 -21.17
N GLN A 230 -5.38 -0.60 -21.06
CA GLN A 230 -6.41 -0.25 -22.02
C GLN A 230 -6.14 1.06 -22.75
N VAL A 231 -6.09 2.16 -22.03
CA VAL A 231 -5.82 3.44 -22.65
C VAL A 231 -4.34 3.55 -22.95
N ASN A 232 -4.00 4.18 -24.08
CA ASN A 232 -2.60 4.35 -24.44
C ASN A 232 -2.01 5.55 -23.72
N GLN A 233 -2.18 6.74 -24.30
CA GLN A 233 -1.57 7.95 -23.78
C GLN A 233 -2.61 9.03 -23.50
N ASP A 234 -3.90 8.70 -23.59
CA ASP A 234 -4.92 9.46 -22.88
C ASP A 234 -4.78 9.14 -21.39
N TRP A 235 -3.61 9.47 -20.82
CA TRP A 235 -3.41 9.42 -19.38
C TRP A 235 -3.73 10.76 -18.75
N ASP A 236 -4.73 11.43 -19.31
CA ASP A 236 -5.34 12.64 -18.76
C ASP A 236 -6.74 12.30 -18.30
N TRP A 237 -7.05 12.61 -17.05
CA TRP A 237 -8.38 12.38 -16.49
C TRP A 237 -9.03 13.73 -16.21
N LEU A 238 -10.13 14.02 -16.90
CA LEU A 238 -10.80 15.31 -16.83
C LEU A 238 -11.79 15.31 -15.68
N VAL A 239 -11.56 16.18 -14.69
CA VAL A 239 -12.42 16.28 -13.52
C VAL A 239 -13.41 17.40 -13.76
N PRO A 240 -14.71 17.12 -13.88
CA PRO A 240 -15.69 18.17 -14.16
C PRO A 240 -15.73 19.21 -13.05
N ILE A 241 -15.77 20.49 -13.44
CA ILE A 241 -15.88 21.60 -12.51
C ILE A 241 -16.90 22.57 -13.12
N SER A 242 -18.07 22.68 -12.49
CA SER A 242 -19.14 23.48 -13.06
C SER A 242 -18.84 24.97 -12.89
N SER A 243 -19.62 25.79 -13.59
CA SER A 243 -19.51 27.24 -13.44
C SER A 243 -19.69 27.65 -11.99
N GLN A 244 -20.78 27.19 -11.37
CA GLN A 244 -21.07 27.55 -9.99
C GLN A 244 -19.92 27.16 -9.06
N VAL A 245 -19.35 25.98 -9.25
CA VAL A 245 -18.32 25.53 -8.33
C VAL A 245 -17.04 26.32 -8.52
N SER A 246 -16.74 26.73 -9.76
CA SER A 246 -15.57 27.60 -9.97
C SER A 246 -15.75 28.92 -9.25
N GLN A 247 -16.97 29.49 -9.27
CA GLN A 247 -17.19 30.77 -8.61
C GLN A 247 -17.12 30.63 -7.10
N GLY A 248 -17.69 29.55 -6.54
CA GLY A 248 -17.60 29.34 -5.11
C GLY A 248 -16.18 29.13 -4.64
N LEU A 249 -15.37 28.44 -5.45
CA LEU A 249 -13.95 28.28 -5.11
C LEU A 249 -13.24 29.62 -5.07
N LYS A 250 -13.59 30.54 -5.97
CA LYS A 250 -13.02 31.88 -5.92
C LYS A 250 -13.49 32.64 -4.70
N GLN A 251 -14.79 32.53 -4.38
CA GLN A 251 -15.32 33.16 -3.18
C GLN A 251 -14.56 32.70 -1.94
N LEU A 252 -14.19 31.42 -1.89
CA LEU A 252 -13.61 30.88 -0.68
C LEU A 252 -12.24 31.52 -0.44
N GLY A 253 -11.47 31.70 -1.51
CA GLY A 253 -10.15 32.30 -1.39
C GLY A 253 -10.19 33.76 -0.99
N LYS A 254 -11.24 34.47 -1.40
CA LYS A 254 -11.43 35.84 -0.91
C LYS A 254 -11.71 35.84 0.58
N GLN A 255 -12.72 35.07 1.01
CA GLN A 255 -13.10 35.02 2.40
C GLN A 255 -11.93 34.68 3.30
N VAL A 256 -11.08 33.74 2.88
CA VAL A 256 -9.92 33.37 3.68
C VAL A 256 -8.79 34.38 3.50
N GLY A 257 -8.68 35.00 2.33
CA GLY A 257 -7.66 35.99 2.10
C GLY A 257 -6.38 35.46 1.52
N VAL A 258 -6.44 34.39 0.72
CA VAL A 258 -5.26 33.79 0.11
C VAL A 258 -5.47 33.78 -1.39
N PRO A 259 -4.44 33.56 -2.21
CA PRO A 259 -4.67 33.42 -3.64
C PRO A 259 -5.43 32.14 -3.95
N LEU A 260 -6.13 32.17 -5.09
CA LEU A 260 -6.94 31.02 -5.51
C LEU A 260 -6.12 29.73 -5.55
N LYS A 261 -4.82 29.84 -5.88
CA LYS A 261 -3.96 28.68 -5.96
C LYS A 261 -3.91 27.91 -4.65
N SER A 262 -3.97 28.60 -3.51
CA SER A 262 -3.91 27.92 -2.23
C SER A 262 -5.19 27.15 -1.93
N VAL A 263 -6.33 27.60 -2.47
CA VAL A 263 -7.56 26.82 -2.34
C VAL A 263 -7.45 25.51 -3.10
N LEU A 264 -7.05 25.59 -4.37
CA LEU A 264 -6.91 24.40 -5.19
C LEU A 264 -5.85 23.47 -4.62
N LEU A 265 -4.78 24.02 -4.05
CA LEU A 265 -3.75 23.19 -3.45
C LEU A 265 -4.30 22.43 -2.24
N ALA A 266 -5.18 23.07 -1.46
CA ALA A 266 -5.76 22.40 -0.30
C ALA A 266 -6.66 21.24 -0.72
N ALA A 267 -7.30 21.34 -1.89
CA ALA A 267 -8.08 20.22 -2.41
C ALA A 267 -7.18 19.03 -2.72
N HIS A 268 -6.05 19.29 -3.38
CA HIS A 268 -5.05 18.27 -3.65
C HIS A 268 -4.63 17.58 -2.34
N PHE A 269 -4.31 18.38 -1.32
CA PHE A 269 -3.91 17.80 -0.04
C PHE A 269 -5.02 16.97 0.59
N ARG A 270 -6.28 17.36 0.37
CA ARG A 270 -7.38 16.58 0.95
C ARG A 270 -7.47 15.21 0.32
N VAL A 271 -7.35 15.12 -1.01
CA VAL A 271 -7.49 13.83 -1.68
C VAL A 271 -6.29 12.93 -1.37
N LEU A 272 -5.09 13.50 -1.25
CA LEU A 272 -3.92 12.69 -0.92
C LEU A 272 -4.05 12.05 0.45
N SER A 273 -4.51 12.84 1.44
CA SER A 273 -4.75 12.28 2.76
C SER A 273 -5.81 11.18 2.70
N LEU A 274 -6.87 11.41 1.93
CA LEU A 274 -7.89 10.39 1.75
C LEU A 274 -7.30 9.14 1.10
N LEU A 275 -6.53 9.32 0.03
CA LEU A 275 -5.99 8.18 -0.70
C LEU A 275 -4.98 7.40 0.13
N ASN A 276 -4.18 8.10 0.93
CA ASN A 276 -3.10 7.47 1.67
C ASN A 276 -3.49 7.11 3.11
N ASN A 277 -4.65 7.58 3.58
CA ASN A 277 -5.01 7.48 4.99
C ASN A 277 -3.85 7.96 5.86
N GLN A 278 -3.34 9.13 5.51
CA GLN A 278 -2.16 9.70 6.15
C GLN A 278 -2.40 11.18 6.39
N ARG A 279 -2.17 11.61 7.62
CA ARG A 279 -2.36 13.03 7.96
C ARG A 279 -1.10 13.80 7.63
N ASP A 280 0.06 13.16 7.75
CA ASP A 280 1.35 13.73 7.41
C ASP A 280 1.62 13.46 5.94
N ILE A 281 1.35 14.44 5.10
CA ILE A 281 1.36 14.27 3.64
C ILE A 281 2.49 15.11 3.04
N VAL A 282 3.17 14.53 2.05
CA VAL A 282 4.19 15.23 1.29
C VAL A 282 3.83 15.11 -0.18
N THR A 283 3.79 16.25 -0.88
CA THR A 283 3.53 16.26 -2.31
C THR A 283 4.41 17.32 -2.96
N GLY A 284 4.72 17.09 -4.23
CA GLY A 284 5.54 18.03 -4.97
C GLY A 284 4.74 19.24 -5.41
N LEU A 285 5.27 20.42 -5.14
CA LEU A 285 4.72 21.67 -5.66
C LEU A 285 5.57 22.10 -6.84
N VAL A 286 4.93 22.28 -7.99
CA VAL A 286 5.64 22.68 -9.21
C VAL A 286 5.84 24.19 -9.18
N SER A 287 7.08 24.62 -9.02
CA SER A 287 7.43 26.04 -8.89
C SER A 287 8.02 26.56 -10.19
N ASN A 288 7.79 27.85 -10.45
CA ASN A 288 7.93 28.35 -11.82
C ASN A 288 9.16 29.26 -11.78
N GLY A 289 10.25 28.73 -11.24
CA GLY A 289 11.38 29.57 -10.87
C GLY A 289 11.95 30.50 -11.92
N ARG A 290 11.19 31.52 -12.31
CA ARG A 290 11.71 32.53 -13.23
C ARG A 290 12.57 33.54 -12.47
N LEU A 291 13.45 34.22 -13.20
CA LEU A 291 14.28 35.25 -12.61
C LEU A 291 13.40 36.44 -12.23
N GLU A 292 13.54 36.89 -10.97
CA GLU A 292 12.61 37.84 -10.39
C GLU A 292 12.61 39.21 -11.07
N ALA A 293 13.60 39.50 -11.91
CA ALA A 293 13.60 40.76 -12.64
C ALA A 293 12.47 40.78 -13.67
N ALA A 294 12.07 41.99 -14.04
CA ALA A 294 11.09 42.17 -15.10
C ALA A 294 11.73 41.89 -16.45
N ASP A 295 10.92 41.35 -17.37
CA ASP A 295 11.40 40.71 -18.60
C ASP A 295 12.32 39.54 -18.30
N GLY A 296 12.30 39.04 -17.06
CA GLY A 296 12.95 37.82 -16.67
C GLY A 296 12.05 36.60 -16.77
N GLU A 297 10.79 36.80 -17.14
CA GLU A 297 9.87 35.72 -17.46
C GLU A 297 9.55 35.66 -18.93
N LYS A 298 10.20 36.50 -19.75
CA LYS A 298 10.10 36.43 -21.19
C LYS A 298 11.19 35.56 -21.82
N ILE A 299 12.33 35.39 -21.14
CA ILE A 299 13.33 34.42 -21.57
C ILE A 299 12.76 33.00 -21.53
N LEU A 300 13.14 32.20 -22.51
CA LEU A 300 12.70 30.82 -22.62
C LEU A 300 13.73 29.87 -22.03
N GLY A 301 13.27 28.68 -21.68
CA GLY A 301 14.09 27.68 -21.05
C GLY A 301 13.24 26.83 -20.13
N LEU A 302 13.91 26.14 -19.20
CA LEU A 302 13.25 25.32 -18.19
C LEU A 302 13.63 25.87 -16.82
N PHE A 303 12.67 26.55 -16.18
CA PHE A 303 12.90 27.25 -14.92
C PHE A 303 12.16 26.58 -13.77
N LEU A 304 11.99 25.27 -13.81
CA LEU A 304 11.13 24.59 -12.86
C LEU A 304 11.93 23.85 -11.80
N ASN A 305 11.46 23.93 -10.57
CA ASN A 305 11.87 23.03 -9.50
C ASN A 305 10.61 22.55 -8.80
N THR A 306 10.63 21.29 -8.36
CA THR A 306 9.48 20.69 -7.72
C THR A 306 9.82 20.45 -6.26
N LEU A 307 9.10 21.14 -5.37
CA LEU A 307 9.55 21.14 -4.00
C LEU A 307 8.71 20.17 -3.17
N PRO A 308 9.29 19.48 -2.20
CA PRO A 308 8.46 18.65 -1.32
C PRO A 308 7.75 19.47 -0.26
N LEU A 309 6.49 19.84 -0.51
CA LEU A 309 5.68 20.49 0.50
C LEU A 309 5.13 19.48 1.49
N ARG A 310 5.36 19.73 2.77
CA ARG A 310 4.92 18.88 3.85
C ARG A 310 3.77 19.55 4.59
N LEU A 311 2.81 18.76 5.05
CA LEU A 311 1.63 19.32 5.69
C LEU A 311 0.92 18.21 6.46
N GLU A 312 0.43 18.55 7.65
CA GLU A 312 -0.33 17.61 8.47
C GLU A 312 -1.79 18.02 8.52
N LEU A 313 -2.68 17.07 8.23
CA LEU A 313 -4.13 17.32 8.31
C LEU A 313 -4.62 16.90 9.69
N SER A 314 -4.57 17.84 10.64
CA SER A 314 -5.15 17.59 11.94
C SER A 314 -6.67 17.54 11.85
N GLY A 315 -7.27 18.41 11.06
CA GLY A 315 -8.70 18.52 10.93
C GLY A 315 -9.17 19.95 11.13
N GLY A 316 -10.44 20.15 10.78
CA GLY A 316 -11.06 21.45 10.93
C GLY A 316 -11.91 21.82 9.73
N PRO A 317 -12.40 23.06 9.70
CA PRO A 317 -13.13 23.53 8.52
C PRO A 317 -12.21 23.67 7.32
N TRP A 318 -12.82 23.71 6.13
CA TRP A 318 -12.04 23.79 4.91
C TRP A 318 -11.13 25.01 4.92
N SER A 319 -11.62 26.13 5.47
CA SER A 319 -10.85 27.37 5.48
C SER A 319 -9.53 27.21 6.22
N ASP A 320 -9.49 26.37 7.25
CA ASP A 320 -8.23 26.11 7.94
C ASP A 320 -7.26 25.35 7.05
N LEU A 321 -7.77 24.40 6.26
CA LEU A 321 -6.91 23.68 5.32
C LEU A 321 -6.37 24.61 4.25
N VAL A 322 -7.17 25.57 3.80
CA VAL A 322 -6.70 26.54 2.83
C VAL A 322 -5.55 27.36 3.40
N LYS A 323 -5.74 27.92 4.60
CA LYS A 323 -4.75 28.80 5.18
C LYS A 323 -3.42 28.08 5.41
N GLN A 324 -3.47 26.84 5.90
CA GLN A 324 -2.22 26.11 6.08
C GLN A 324 -1.61 25.63 4.77
N ALA A 325 -2.37 25.63 3.67
CA ALA A 325 -1.77 25.45 2.36
C ALA A 325 -1.08 26.73 1.90
N PHE A 326 -1.57 27.88 2.35
CA PHE A 326 -0.87 29.14 2.10
C PHE A 326 0.36 29.29 2.99
N ASP A 327 0.22 28.91 4.27
CA ASP A 327 1.35 29.04 5.20
C ASP A 327 2.54 28.22 4.75
N VAL A 328 2.29 27.01 4.25
CA VAL A 328 3.38 26.13 3.81
C VAL A 328 3.98 26.57 2.49
N GLU A 329 3.33 27.50 1.78
CA GLU A 329 3.85 27.92 0.48
C GLU A 329 4.81 29.11 0.58
N ARG A 330 4.51 30.10 1.43
CA ARG A 330 5.43 31.22 1.60
C ARG A 330 6.64 30.84 2.46
N GLU A 331 6.40 29.99 3.46
CA GLU A 331 7.41 29.34 4.31
C GLU A 331 8.62 28.88 3.52
N CYS A 332 8.41 28.39 2.30
CA CYS A 332 9.49 27.90 1.44
C CYS A 332 9.64 28.72 0.17
N LEU A 333 9.15 29.96 0.16
CA LEU A 333 9.16 30.76 -1.07
C LEU A 333 10.58 31.10 -1.50
N SER A 334 11.38 31.69 -0.60
CA SER A 334 12.72 32.13 -0.98
C SER A 334 13.63 30.95 -1.25
N TRP A 335 13.52 29.89 -0.45
CA TRP A 335 14.39 28.72 -0.53
C TRP A 335 13.98 27.75 -1.65
N ARG A 336 13.24 28.22 -2.65
CA ARG A 336 12.54 27.35 -3.59
C ARG A 336 13.39 26.89 -4.76
N ARG A 337 14.57 27.45 -4.98
CA ARG A 337 15.38 27.08 -6.14
C ARG A 337 16.34 25.93 -5.86
N TYR A 338 16.36 25.42 -4.62
CA TYR A 338 17.22 24.30 -4.28
C TYR A 338 16.72 23.03 -4.97
N PRO A 339 17.50 22.44 -5.87
CA PRO A 339 16.96 21.41 -6.77
C PRO A 339 16.51 20.14 -6.05
N LEU A 340 15.57 19.43 -6.68
CA LEU A 340 14.98 18.24 -6.07
C LEU A 340 16.01 17.13 -5.93
N ALA A 341 16.91 16.98 -6.90
CA ALA A 341 17.85 15.86 -6.87
C ALA A 341 18.84 15.97 -5.71
N GLU A 342 19.20 17.19 -5.32
CA GLU A 342 20.07 17.38 -4.17
C GLU A 342 19.31 17.15 -2.86
N LEU A 343 17.98 17.26 -2.86
CA LEU A 343 17.20 16.99 -1.67
C LEU A 343 17.24 15.52 -1.29
N GLN A 344 16.78 14.67 -2.20
CA GLN A 344 16.66 13.23 -1.98
C GLN A 344 17.85 12.50 -2.59
N LYS A 345 17.79 11.18 -2.56
CA LYS A 345 18.72 10.33 -3.29
C LYS A 345 17.97 9.44 -4.25
N SER A 346 18.69 8.96 -5.27
CA SER A 346 18.12 8.07 -6.27
C SER A 346 17.56 6.83 -5.60
N GLY A 347 16.28 6.56 -5.83
CA GLY A 347 15.61 5.46 -5.18
C GLY A 347 14.97 5.80 -3.86
N GLN A 348 15.14 7.03 -3.37
CA GLN A 348 14.41 7.55 -2.21
C GLN A 348 13.56 8.74 -2.63
N PRO A 349 12.58 8.54 -3.50
CA PRO A 349 11.75 9.67 -3.94
C PRO A 349 10.94 10.23 -2.78
N LEU A 350 10.95 11.55 -2.65
CA LEU A 350 10.29 12.16 -1.51
C LEU A 350 8.78 12.13 -1.63
N PHE A 351 8.25 12.12 -2.85
CA PHE A 351 6.81 12.19 -3.02
C PHE A 351 6.37 11.45 -4.27
N ASP A 352 5.15 10.90 -4.19
CA ASP A 352 4.55 10.13 -5.26
C ASP A 352 3.78 10.99 -6.26
N THR A 353 3.33 12.18 -5.83
CA THR A 353 2.38 12.99 -6.57
C THR A 353 2.91 14.42 -6.64
N ALA A 354 2.21 15.26 -7.42
CA ALA A 354 2.63 16.64 -7.59
C ALA A 354 1.43 17.51 -7.95
N PHE A 355 1.60 18.82 -7.73
CA PHE A 355 0.57 19.81 -7.96
C PHE A 355 1.11 20.89 -8.88
N ASN A 356 0.25 21.42 -9.75
CA ASN A 356 0.65 22.45 -10.70
C ASN A 356 -0.56 23.30 -11.05
N PHE A 357 -0.35 24.62 -11.15
CA PHE A 357 -1.45 25.56 -11.43
C PHE A 357 -1.03 26.49 -12.55
N ILE A 358 -1.88 26.59 -13.57
CA ILE A 358 -1.55 27.26 -14.83
C ILE A 358 -2.42 28.50 -14.96
N HIS A 359 -1.89 29.63 -14.52
CA HIS A 359 -2.41 30.96 -14.83
C HIS A 359 -1.94 31.50 -16.18
N PHE A 360 -2.90 32.04 -16.94
CA PHE A 360 -2.65 32.58 -18.29
C PHE A 360 -3.84 33.44 -18.72
N HIS A 361 -3.67 34.08 -19.88
CA HIS A 361 -4.78 34.66 -20.62
C HIS A 361 -4.44 34.74 -22.12
N ILE A 367 -7.88 38.78 -35.66
CA ILE A 367 -9.17 38.20 -35.36
C ILE A 367 -9.67 37.28 -36.50
N GLY A 368 -10.58 37.78 -37.34
CA GLY A 368 -11.30 36.91 -38.25
C GLY A 368 -10.47 36.37 -39.40
N VAL A 369 -9.45 37.11 -39.82
CA VAL A 369 -8.61 36.65 -40.93
C VAL A 369 -7.97 35.31 -40.58
N LYS A 370 -7.40 35.22 -39.37
CA LYS A 370 -6.67 34.04 -38.91
C LYS A 370 -6.73 33.98 -37.40
N ASP A 371 -5.59 34.19 -36.75
CA ASP A 371 -5.48 34.46 -35.33
C ASP A 371 -6.07 33.38 -34.42
N LEU A 372 -7.38 33.14 -34.51
CA LEU A 372 -8.05 32.31 -33.53
C LEU A 372 -7.86 30.83 -33.89
N GLU A 373 -7.52 30.04 -32.89
CA GLU A 373 -7.42 28.59 -33.06
C GLU A 373 -8.81 27.97 -33.07
N VAL A 374 -9.11 27.16 -34.08
CA VAL A 374 -10.42 26.53 -34.13
C VAL A 374 -10.46 25.24 -33.30
N LEU A 375 -9.52 24.33 -33.51
CA LEU A 375 -9.36 23.14 -32.68
C LEU A 375 -7.93 23.05 -32.16
N GLY A 376 -7.37 24.19 -31.78
CA GLY A 376 -6.00 24.23 -31.29
C GLY A 376 -5.90 24.12 -29.78
N GLY A 377 -6.03 22.91 -29.26
CA GLY A 377 -5.97 22.72 -27.82
C GLY A 377 -5.47 21.35 -27.40
N LYS A 378 -5.02 20.54 -28.36
CA LYS A 378 -4.56 19.19 -28.07
C LYS A 378 -3.10 19.25 -27.62
N PHE A 379 -2.87 18.99 -26.33
CA PHE A 379 -1.53 18.96 -25.73
C PHE A 379 -1.24 17.54 -25.26
N PHE A 380 -0.26 16.88 -25.89
CA PHE A 380 0.26 15.66 -25.30
C PHE A 380 1.51 16.00 -24.50
N ASN A 381 1.57 15.46 -23.27
CA ASN A 381 2.71 15.64 -22.40
C ASN A 381 2.57 14.70 -21.22
N GLN A 382 3.69 14.10 -20.82
CA GLN A 382 3.72 13.18 -19.70
C GLN A 382 4.88 13.54 -18.76
N THR A 383 4.63 13.43 -17.46
CA THR A 383 5.67 13.55 -16.46
C THR A 383 5.96 12.18 -15.87
N ASN A 384 6.92 12.13 -14.95
CA ASN A 384 7.26 10.88 -14.27
C ASN A 384 6.47 10.67 -12.99
N PHE A 385 5.54 11.57 -12.66
CA PHE A 385 4.77 11.45 -11.44
C PHE A 385 3.58 10.50 -11.64
N THR A 386 3.29 9.72 -10.61
CA THR A 386 2.15 8.81 -10.68
C THR A 386 0.83 9.56 -10.77
N LEU A 387 0.74 10.74 -10.15
CA LEU A 387 -0.47 11.55 -10.22
C LEU A 387 -0.08 13.01 -10.13
N LEU A 388 -0.33 13.75 -11.21
CA LEU A 388 -0.13 15.19 -11.25
C LEU A 388 -1.49 15.86 -11.41
N ALA A 389 -1.83 16.72 -10.46
CA ALA A 389 -3.07 17.48 -10.52
C ALA A 389 -2.81 18.78 -11.27
N ASN A 390 -3.34 18.87 -12.49
CA ASN A 390 -3.03 19.98 -13.39
C ASN A 390 -4.18 20.99 -13.34
N PHE A 391 -4.16 21.83 -12.31
CA PHE A 391 -5.13 22.91 -12.21
C PHE A 391 -4.76 24.04 -13.16
N SER A 392 -5.78 24.77 -13.61
CA SER A 392 -5.57 25.92 -14.48
C SER A 392 -6.78 26.84 -14.39
N LEU A 393 -6.60 28.06 -14.85
CA LEU A 393 -7.67 29.04 -14.98
C LEU A 393 -7.84 29.33 -16.48
N HIS A 394 -8.94 28.84 -17.04
CA HIS A 394 -9.12 28.90 -18.49
C HIS A 394 -9.03 30.35 -18.98
N PRO A 395 -8.24 30.62 -20.02
CA PRO A 395 -8.00 32.02 -20.40
C PRO A 395 -9.25 32.80 -20.80
N LEU A 396 -10.29 32.12 -21.30
CA LEU A 396 -11.46 32.82 -21.83
C LEU A 396 -12.68 32.75 -20.94
N SER A 397 -12.89 31.64 -20.23
CA SER A 397 -13.99 31.54 -19.29
C SER A 397 -13.61 32.02 -17.90
N SER A 398 -12.31 32.09 -17.59
CA SER A 398 -11.80 32.37 -16.25
C SER A 398 -12.32 31.39 -15.23
N GLN A 399 -12.77 30.22 -15.68
CA GLN A 399 -13.28 29.18 -14.80
C GLN A 399 -12.18 28.17 -14.50
N ILE A 400 -12.14 27.74 -13.24
CA ILE A 400 -11.17 26.73 -12.84
C ILE A 400 -11.49 25.40 -13.52
N GLU A 401 -10.44 24.65 -13.83
CA GLU A 401 -10.62 23.28 -14.29
C GLU A 401 -9.36 22.48 -13.94
N LEU A 402 -9.47 21.17 -14.13
CA LEU A 402 -8.48 20.25 -13.58
C LEU A 402 -8.34 19.04 -14.49
N THR A 403 -7.08 18.65 -14.76
CA THR A 403 -6.77 17.42 -15.47
C THR A 403 -5.80 16.62 -14.62
N LEU A 404 -6.17 15.40 -14.26
CA LEU A 404 -5.28 14.51 -13.53
C LEU A 404 -4.40 13.79 -14.53
N LYS A 405 -3.11 14.09 -14.52
CA LYS A 405 -2.12 13.41 -15.36
C LYS A 405 -1.48 12.30 -14.55
N TYR A 406 -1.70 11.06 -14.97
CA TYR A 406 -1.33 9.92 -14.15
C TYR A 406 -0.44 8.95 -14.93
N ASP A 407 0.20 8.07 -14.18
CA ASP A 407 1.10 7.06 -14.73
C ASP A 407 0.33 5.74 -14.84
N GLY A 408 -0.03 5.37 -16.07
CA GLY A 408 -0.81 4.17 -16.28
C GLY A 408 -0.15 2.90 -15.79
N ASN A 409 1.18 2.91 -15.66
CA ASN A 409 1.87 1.78 -15.07
C ASN A 409 1.58 1.64 -13.59
N TYR A 410 1.03 2.67 -12.96
CA TYR A 410 0.76 2.68 -11.53
C TYR A 410 -0.71 2.88 -11.18
N LEU A 411 -1.49 3.52 -12.05
CA LEU A 411 -2.90 3.76 -11.79
C LEU A 411 -3.71 3.40 -13.01
N GLY A 412 -4.70 2.52 -12.83
CA GLY A 412 -5.61 2.17 -13.90
C GLY A 412 -6.85 3.04 -13.92
N GLU A 413 -7.68 2.80 -14.93
CA GLU A 413 -8.90 3.60 -15.09
C GLU A 413 -9.93 3.28 -14.02
N LYS A 414 -9.97 2.02 -13.55
CA LYS A 414 -10.84 1.69 -12.43
C LYS A 414 -10.47 2.47 -11.18
N GLN A 415 -9.22 2.89 -11.08
CA GLN A 415 -8.72 3.69 -9.97
C GLN A 415 -8.87 5.17 -10.25
N MET A 416 -8.51 5.62 -11.46
CA MET A 416 -8.63 7.03 -11.82
C MET A 416 -10.08 7.49 -11.84
N GLU A 417 -11.03 6.59 -12.14
CA GLU A 417 -12.44 6.95 -12.04
C GLU A 417 -12.78 7.38 -10.61
N LEU A 418 -12.24 6.67 -9.63
CA LEU A 418 -12.48 7.00 -8.24
C LEU A 418 -11.68 8.22 -7.80
N ILE A 419 -10.42 8.32 -8.24
CA ILE A 419 -9.61 9.49 -7.90
C ILE A 419 -10.28 10.77 -8.42
N GLY A 420 -10.73 10.73 -9.67
CA GLY A 420 -11.38 11.89 -10.25
C GLY A 420 -12.64 12.28 -9.51
N GLY A 421 -13.39 11.30 -9.00
CA GLY A 421 -14.54 11.62 -8.19
C GLY A 421 -14.15 12.29 -6.87
N TYR A 422 -13.09 11.79 -6.23
CA TYR A 422 -12.63 12.40 -4.99
C TYR A 422 -12.25 13.86 -5.21
N TYR A 423 -11.61 14.16 -6.34
CA TYR A 423 -11.30 15.55 -6.66
C TYR A 423 -12.57 16.34 -6.95
N GLU A 424 -13.48 15.77 -7.74
CA GLU A 424 -14.71 16.46 -8.07
C GLU A 424 -15.51 16.80 -6.81
N LYS A 425 -15.72 15.79 -5.96
CA LYS A 425 -16.55 16.00 -4.78
C LYS A 425 -15.84 16.87 -3.74
N THR A 426 -14.51 16.84 -3.71
CA THR A 426 -13.77 17.74 -2.81
C THR A 426 -14.00 19.20 -3.21
N LEU A 427 -13.97 19.49 -4.52
CA LEU A 427 -14.19 20.85 -4.98
C LEU A 427 -15.65 21.26 -4.89
N ILE A 428 -16.58 20.30 -4.96
CA ILE A 428 -17.97 20.61 -4.66
C ILE A 428 -18.09 21.08 -3.22
N ALA A 429 -17.56 20.29 -2.29
CA ALA A 429 -17.70 20.59 -0.87
C ALA A 429 -17.09 21.94 -0.52
N MET A 430 -15.89 22.20 -1.04
CA MET A 430 -15.23 23.47 -0.74
C MET A 430 -16.02 24.65 -1.30
N ALA A 431 -16.61 24.49 -2.48
CA ALA A 431 -17.31 25.60 -3.12
C ALA A 431 -18.71 25.83 -2.55
N THR A 432 -19.35 24.79 -2.01
CA THR A 432 -20.73 24.90 -1.56
C THR A 432 -20.87 24.75 -0.05
N GLU A 433 -20.20 23.76 0.55
CA GLU A 433 -20.27 23.57 2.00
C GLU A 433 -18.89 23.81 2.62
N GLY A 434 -18.26 24.93 2.27
CA GLY A 434 -16.86 25.17 2.59
C GLY A 434 -16.62 25.54 4.05
N LEU A 435 -17.59 25.26 4.89
CA LEU A 435 -17.53 25.63 6.31
C LEU A 435 -17.73 24.43 7.22
N GLU A 436 -17.69 23.22 6.66
CA GLU A 436 -17.73 21.96 7.39
C GLU A 436 -16.33 21.51 7.75
N ARG A 437 -16.27 20.57 8.69
CA ARG A 437 -15.05 19.83 8.93
C ARG A 437 -14.73 18.98 7.70
N TYR A 438 -13.53 19.14 7.16
CA TYR A 438 -13.16 18.40 5.96
C TYR A 438 -12.86 16.94 6.24
N GLU A 439 -12.50 16.60 7.47
CA GLU A 439 -12.12 15.24 7.82
C GLU A 439 -13.31 14.35 8.14
N THR A 440 -14.54 14.88 8.09
CA THR A 440 -15.74 14.07 8.21
C THR A 440 -16.60 14.11 6.95
N CYS A 441 -16.30 15.01 6.02
CA CYS A 441 -17.09 15.10 4.79
C CYS A 441 -16.87 13.86 3.93
N CYS A 442 -17.97 13.29 3.42
CA CYS A 442 -17.88 12.05 2.65
C CYS A 442 -17.50 12.39 1.22
N LEU A 443 -16.32 11.94 0.80
CA LEU A 443 -15.81 12.13 -0.54
C LEU A 443 -15.97 10.87 -1.39
N LEU A 444 -16.41 9.77 -0.79
CA LEU A 444 -16.56 8.51 -1.49
C LEU A 444 -17.83 8.52 -2.33
N SER A 445 -17.74 7.96 -3.53
CA SER A 445 -18.88 7.96 -4.41
C SER A 445 -20.01 7.11 -3.83
N GLU A 446 -21.22 7.44 -4.26
CA GLU A 446 -22.41 6.72 -3.83
C GLU A 446 -22.27 5.23 -4.11
N GLN A 447 -21.58 4.88 -5.20
CA GLN A 447 -21.40 3.48 -5.56
C GLN A 447 -20.43 2.81 -4.60
N GLU A 448 -19.34 3.52 -4.29
CA GLU A 448 -18.31 2.98 -3.42
C GLU A 448 -18.78 2.86 -1.98
N GLN A 449 -19.54 3.85 -1.49
CA GLN A 449 -20.14 3.74 -0.16
C GLN A 449 -20.96 2.46 -0.05
N HIS A 450 -21.80 2.19 -1.05
CA HIS A 450 -22.68 1.02 -0.99
C HIS A 450 -21.88 -0.28 -1.02
N GLN A 451 -20.83 -0.34 -1.85
CA GLN A 451 -20.08 -1.59 -1.95
C GLN A 451 -19.26 -1.84 -0.71
N LEU A 452 -18.58 -0.81 -0.20
CA LEU A 452 -17.79 -0.98 1.02
C LEU A 452 -18.67 -1.31 2.22
N LEU A 453 -19.79 -0.62 2.37
CA LEU A 453 -20.57 -0.67 3.60
C LEU A 453 -21.73 -1.65 3.54
N LYS A 454 -22.42 -1.77 2.40
CA LYS A 454 -23.58 -2.63 2.30
C LYS A 454 -23.25 -3.98 1.66
N GLU A 455 -22.84 -3.98 0.40
CA GLU A 455 -22.70 -5.23 -0.34
C GLU A 455 -21.68 -6.16 0.30
N TRP A 456 -20.56 -5.62 0.76
CA TRP A 456 -19.52 -6.47 1.34
C TRP A 456 -19.76 -6.79 2.81
N ASN A 457 -20.86 -6.30 3.40
CA ASN A 457 -21.26 -6.66 4.75
C ASN A 457 -22.63 -7.33 4.78
N ASP A 458 -23.03 -7.93 3.66
CA ASP A 458 -24.37 -8.52 3.52
C ASP A 458 -24.35 -9.97 3.99
N THR A 459 -24.27 -10.15 5.31
CA THR A 459 -24.04 -11.45 5.91
C THR A 459 -25.13 -11.89 6.88
N GLU A 460 -26.29 -11.22 6.88
CA GLU A 460 -27.33 -11.53 7.85
C GLU A 460 -27.93 -12.90 7.58
N VAL A 461 -27.99 -13.75 8.62
CA VAL A 461 -28.59 -15.07 8.55
C VAL A 461 -29.37 -15.30 9.84
N HIS A 462 -30.56 -15.88 9.72
CA HIS A 462 -31.46 -16.08 10.86
C HIS A 462 -31.32 -17.52 11.37
N TYR A 463 -30.65 -17.68 12.52
CA TYR A 463 -30.42 -18.95 13.16
C TYR A 463 -31.36 -19.16 14.33
N PRO A 464 -31.59 -20.40 14.74
CA PRO A 464 -32.32 -20.63 16.00
C PRO A 464 -31.58 -20.03 17.18
N ASP A 465 -32.31 -19.23 17.97
CA ASP A 465 -31.79 -18.75 19.23
C ASP A 465 -31.50 -19.93 20.16
N GLY A 466 -30.74 -19.67 21.21
CA GLY A 466 -30.50 -20.69 22.20
C GLY A 466 -29.06 -20.67 22.68
N CYS A 467 -28.69 -21.74 23.35
CA CYS A 467 -27.43 -21.81 24.10
C CYS A 467 -26.53 -22.88 23.52
N ILE A 468 -25.27 -22.84 23.97
CA ILE A 468 -24.27 -23.81 23.52
C ILE A 468 -24.69 -25.23 23.87
N HIS A 469 -25.07 -25.45 25.13
CA HIS A 469 -25.42 -26.78 25.57
C HIS A 469 -26.75 -27.26 25.02
N GLN A 470 -27.63 -26.33 24.59
CA GLN A 470 -28.84 -26.74 23.91
C GLN A 470 -28.55 -27.38 22.56
N LEU A 471 -27.49 -26.93 21.89
CA LEU A 471 -27.06 -27.58 20.65
C LEU A 471 -26.55 -28.99 20.94
N PHE A 472 -25.88 -29.17 22.08
CA PHE A 472 -25.42 -30.50 22.45
C PHE A 472 -26.58 -31.42 22.82
N GLU A 473 -27.45 -30.94 23.72
CA GLU A 473 -28.58 -31.74 24.17
C GLU A 473 -29.42 -32.24 23.00
N GLU A 474 -29.64 -31.38 21.99
CA GLU A 474 -30.41 -31.80 20.83
C GLU A 474 -29.69 -32.88 20.05
N GLN A 475 -28.36 -32.80 19.95
CA GLN A 475 -27.63 -33.84 19.25
C GLN A 475 -27.64 -35.16 20.03
N VAL A 476 -27.79 -35.08 21.36
CA VAL A 476 -27.90 -36.30 22.15
C VAL A 476 -29.20 -37.02 21.85
N LYS A 477 -30.31 -36.27 21.76
CA LYS A 477 -31.58 -36.90 21.41
C LYS A 477 -31.53 -37.54 20.03
N ARG A 478 -30.77 -36.96 19.10
CA ARG A 478 -30.79 -37.43 17.72
C ARG A 478 -29.87 -38.64 17.50
N SER A 479 -28.83 -38.80 18.31
CA SER A 479 -27.92 -39.93 18.21
C SER A 479 -27.29 -40.19 19.56
N PRO A 480 -28.03 -40.81 20.48
CA PRO A 480 -27.52 -40.96 21.85
C PRO A 480 -26.41 -41.99 21.98
N ASP A 481 -26.31 -42.94 21.06
CA ASP A 481 -25.30 -43.99 21.14
C ASP A 481 -24.09 -43.71 20.27
N ALA A 482 -24.09 -42.62 19.51
CA ALA A 482 -22.90 -42.21 18.79
C ALA A 482 -21.81 -41.76 19.76
N ILE A 483 -20.58 -41.84 19.31
CA ILE A 483 -19.43 -41.49 20.15
C ILE A 483 -19.30 -39.98 20.22
N ALA A 484 -18.99 -39.46 21.41
CA ALA A 484 -18.81 -38.03 21.64
C ALA A 484 -17.35 -37.62 21.80
N ILE A 485 -16.57 -38.36 22.59
CA ILE A 485 -15.13 -38.12 22.72
C ILE A 485 -14.37 -39.43 22.64
N ILE A 486 -13.15 -39.35 22.10
CA ILE A 486 -12.16 -40.41 22.16
C ILE A 486 -10.88 -39.80 22.72
N THR A 487 -10.53 -40.16 23.95
CA THR A 487 -9.24 -39.83 24.51
C THR A 487 -8.30 -41.00 24.30
N GLU A 488 -7.12 -40.94 24.91
CA GLU A 488 -6.18 -42.05 24.81
C GLU A 488 -6.63 -43.26 25.62
N ASN A 489 -7.57 -43.09 26.55
CA ASN A 489 -7.86 -44.14 27.53
C ASN A 489 -9.34 -44.40 27.72
N GLU A 490 -10.22 -43.83 26.87
CA GLU A 490 -11.66 -44.04 26.99
C GLU A 490 -12.47 -43.34 25.89
N GLN A 491 -13.75 -43.70 25.79
CA GLN A 491 -14.72 -43.04 24.93
C GLN A 491 -15.92 -42.63 25.78
N LEU A 492 -16.86 -41.92 25.15
CA LEU A 492 -18.13 -41.59 25.77
C LEU A 492 -19.17 -41.40 24.68
N THR A 493 -20.30 -42.09 24.83
CA THR A 493 -21.41 -41.88 23.91
C THR A 493 -22.10 -40.55 24.22
N TYR A 494 -22.98 -40.12 23.30
CA TYR A 494 -23.66 -38.85 23.49
C TYR A 494 -24.55 -38.89 24.73
N ARG A 495 -25.24 -40.02 24.95
CA ARG A 495 -25.98 -40.19 26.21
C ARG A 495 -25.01 -40.28 27.38
N GLN A 496 -23.93 -41.03 27.23
CA GLN A 496 -22.97 -41.18 28.32
C GLN A 496 -22.34 -39.84 28.70
N LEU A 497 -21.96 -39.04 27.70
CA LEU A 497 -21.42 -37.72 27.98
C LEU A 497 -22.49 -36.81 28.59
N ASN A 498 -23.70 -36.83 28.03
CA ASN A 498 -24.75 -35.94 28.50
C ASN A 498 -25.11 -36.21 29.95
N GLU A 499 -25.30 -37.48 30.30
CA GLU A 499 -25.78 -37.82 31.65
C GLU A 499 -24.79 -37.38 32.72
N LYS A 500 -23.49 -37.45 32.44
CA LYS A 500 -22.50 -36.98 33.41
C LYS A 500 -22.50 -35.47 33.51
N ALA A 501 -22.72 -34.77 32.39
CA ALA A 501 -22.78 -33.31 32.43
C ALA A 501 -24.00 -32.84 33.22
N ASN A 502 -25.13 -33.55 33.09
CA ASN A 502 -26.30 -33.22 33.90
C ASN A 502 -26.01 -33.41 35.39
N GLN A 503 -25.34 -34.52 35.74
CA GLN A 503 -25.10 -34.82 37.14
C GLN A 503 -24.17 -33.80 37.78
N LEU A 504 -23.07 -33.46 37.10
CA LEU A 504 -22.17 -32.44 37.62
C LEU A 504 -22.85 -31.08 37.65
N GLY A 505 -23.66 -30.77 36.64
CA GLY A 505 -24.35 -29.49 36.62
C GLY A 505 -25.34 -29.35 37.75
N ARG A 506 -26.02 -30.44 38.11
CA ARG A 506 -26.96 -30.40 39.22
C ARG A 506 -26.24 -30.21 40.54
N TYR A 507 -25.13 -30.92 40.75
CA TYR A 507 -24.32 -30.72 41.95
C TYR A 507 -23.89 -29.27 42.07
N LEU A 508 -23.44 -28.67 40.96
CA LEU A 508 -23.05 -27.27 40.98
C LEU A 508 -24.24 -26.36 41.27
N ALA A 509 -25.39 -26.63 40.62
CA ALA A 509 -26.58 -25.83 40.86
C ALA A 509 -26.96 -25.83 42.33
N ARG A 510 -26.93 -27.00 42.96
CA ARG A 510 -27.28 -27.08 44.38
C ARG A 510 -26.14 -26.65 45.29
N LYS A 511 -24.92 -26.47 44.76
CA LYS A 511 -23.92 -25.70 45.47
C LYS A 511 -24.18 -24.21 45.38
N GLY A 512 -25.03 -23.77 44.45
CA GLY A 512 -25.44 -22.39 44.36
C GLY A 512 -24.82 -21.63 43.21
N VAL A 513 -24.91 -22.17 42.00
CA VAL A 513 -24.49 -21.47 40.79
C VAL A 513 -25.70 -21.26 39.90
N LYS A 514 -25.90 -20.02 39.47
CA LYS A 514 -27.06 -19.68 38.64
C LYS A 514 -26.61 -18.70 37.55
N SER A 515 -27.53 -17.86 37.09
CA SER A 515 -27.21 -16.97 35.97
C SER A 515 -26.00 -16.09 36.29
N GLU A 516 -25.17 -15.89 35.27
CA GLU A 516 -24.00 -15.00 35.34
C GLU A 516 -23.04 -15.36 36.48
N SER A 517 -23.06 -16.59 36.98
CA SER A 517 -22.07 -16.98 37.99
C SER A 517 -20.84 -17.57 37.30
N LEU A 518 -19.68 -17.06 37.68
CA LEU A 518 -18.41 -17.42 37.07
C LEU A 518 -17.78 -18.55 37.87
N VAL A 519 -17.59 -19.69 37.23
CA VAL A 519 -16.90 -20.84 37.81
C VAL A 519 -15.74 -21.22 36.90
N GLY A 520 -14.53 -21.12 37.44
CA GLY A 520 -13.35 -21.49 36.70
C GLY A 520 -13.19 -23.00 36.62
N ILE A 521 -12.14 -23.41 35.89
CA ILE A 521 -11.86 -24.82 35.61
C ILE A 521 -10.39 -25.05 35.34
N CYS A 522 -9.73 -25.78 36.23
CA CYS A 522 -8.35 -26.23 36.05
C CYS A 522 -8.38 -27.75 36.07
N LEU A 523 -8.32 -28.36 34.88
CA LEU A 523 -8.44 -29.80 34.73
C LEU A 523 -7.50 -30.27 33.63
N GLU A 524 -6.84 -31.40 33.87
CA GLU A 524 -6.07 -32.04 32.82
C GLU A 524 -7.01 -32.46 31.69
N ARG A 525 -6.51 -32.42 30.46
CA ARG A 525 -7.35 -32.68 29.30
C ARG A 525 -7.76 -34.14 29.26
N THR A 526 -8.93 -34.43 29.83
CA THR A 526 -9.56 -35.74 29.91
C THR A 526 -11.04 -35.52 29.61
N PRO A 527 -11.89 -36.55 29.60
CA PRO A 527 -13.33 -36.29 29.36
C PRO A 527 -13.99 -35.51 30.48
N GLU A 528 -13.48 -35.55 31.71
CA GLU A 528 -14.07 -34.74 32.77
C GLU A 528 -13.96 -33.25 32.43
N MET A 529 -12.94 -32.88 31.65
CA MET A 529 -12.79 -31.50 31.20
C MET A 529 -14.03 -31.04 30.44
N VAL A 530 -14.42 -31.80 29.41
CA VAL A 530 -15.60 -31.43 28.63
C VAL A 530 -16.86 -31.57 29.47
N ILE A 531 -16.89 -32.56 30.37
CA ILE A 531 -18.01 -32.66 31.31
C ILE A 531 -18.08 -31.42 32.18
N GLY A 532 -16.92 -30.91 32.60
CA GLY A 532 -16.91 -29.68 33.38
C GLY A 532 -17.48 -28.50 32.62
N LEU A 533 -17.02 -28.32 31.38
CA LEU A 533 -17.54 -27.24 30.54
C LEU A 533 -19.06 -27.34 30.39
N LEU A 534 -19.55 -28.52 30.04
CA LEU A 534 -20.97 -28.67 29.74
C LEU A 534 -21.82 -28.51 30.99
N ALA A 535 -21.35 -29.03 32.13
CA ALA A 535 -22.11 -28.91 33.37
C ALA A 535 -22.24 -27.46 33.79
N ILE A 536 -21.15 -26.69 33.69
CA ILE A 536 -21.20 -25.26 33.97
C ILE A 536 -22.24 -24.59 33.09
N LEU A 537 -22.22 -24.92 31.80
CA LEU A 537 -23.16 -24.30 30.86
C LEU A 537 -24.58 -24.76 31.12
N LYS A 538 -24.76 -26.05 31.44
CA LYS A 538 -26.10 -26.59 31.64
C LYS A 538 -26.78 -25.97 32.86
N ALA A 539 -26.01 -25.64 33.90
CA ALA A 539 -26.59 -24.99 35.07
C ALA A 539 -27.01 -23.56 34.77
N GLY A 540 -26.33 -22.91 33.83
CA GLY A 540 -26.61 -21.52 33.51
C GLY A 540 -25.51 -20.55 33.87
N GLY A 541 -24.36 -21.02 34.32
CA GLY A 541 -23.22 -20.18 34.61
C GLY A 541 -22.33 -19.99 33.40
N ALA A 542 -21.07 -19.63 33.67
CA ALA A 542 -20.10 -19.38 32.61
C ALA A 542 -18.72 -19.76 33.13
N TYR A 543 -17.95 -20.43 32.28
CA TYR A 543 -16.67 -20.99 32.71
C TYR A 543 -15.52 -20.04 32.42
N VAL A 544 -14.57 -19.99 33.34
CA VAL A 544 -13.31 -19.25 33.17
C VAL A 544 -12.21 -20.29 32.97
N PRO A 545 -11.59 -20.36 31.79
CA PRO A 545 -10.74 -21.52 31.47
C PRO A 545 -9.37 -21.40 32.11
N LEU A 546 -8.92 -22.50 32.71
CA LEU A 546 -7.59 -22.61 33.29
C LEU A 546 -6.98 -23.93 32.83
N ASP A 547 -5.68 -23.90 32.52
CA ASP A 547 -5.02 -25.07 31.96
C ASP A 547 -3.84 -25.47 32.83
N PRO A 548 -3.86 -26.65 33.44
CA PRO A 548 -2.78 -27.03 34.38
C PRO A 548 -1.39 -27.08 33.75
N ALA A 549 -1.29 -27.19 32.43
CA ALA A 549 -0.01 -27.23 31.75
C ALA A 549 0.61 -25.84 31.55
N TYR A 550 0.20 -24.86 32.34
CA TYR A 550 0.69 -23.49 32.22
C TYR A 550 1.23 -23.01 33.55
N PRO A 551 2.18 -22.07 33.54
CA PRO A 551 2.84 -21.66 34.79
C PRO A 551 1.84 -21.15 35.82
N THR A 552 2.20 -21.32 37.10
CA THR A 552 1.22 -21.14 38.18
C THR A 552 0.76 -19.70 38.29
N GLU A 553 1.62 -18.76 37.94
CA GLU A 553 1.27 -17.35 38.06
C GLU A 553 0.15 -16.98 37.10
N ARG A 554 0.29 -17.35 35.83
CA ARG A 554 -0.77 -17.11 34.86
C ARG A 554 -2.13 -17.54 35.41
N LEU A 555 -2.15 -18.66 36.14
CA LEU A 555 -3.38 -19.11 36.77
C LEU A 555 -3.83 -18.12 37.84
N ASN A 556 -2.89 -17.61 38.63
CA ASN A 556 -3.23 -16.70 39.72
C ASN A 556 -3.77 -15.37 39.19
N VAL A 557 -3.15 -14.83 38.15
CA VAL A 557 -3.51 -13.48 37.71
C VAL A 557 -4.93 -13.49 37.15
N ILE A 558 -5.34 -14.61 36.55
CA ILE A 558 -6.70 -14.75 36.05
C ILE A 558 -7.69 -14.89 37.20
N LEU A 559 -7.39 -15.77 38.16
CA LEU A 559 -8.29 -15.95 39.30
C LEU A 559 -8.46 -14.65 40.08
N GLU A 560 -7.35 -13.97 40.36
CA GLU A 560 -7.35 -12.59 40.83
C GLU A 560 -8.32 -11.70 40.06
N ASP A 561 -8.19 -11.64 38.73
CA ASP A 561 -9.07 -10.75 37.97
C ASP A 561 -10.51 -11.24 37.99
N ALA A 562 -10.72 -12.54 37.76
CA ALA A 562 -12.08 -13.06 37.58
C ALA A 562 -12.87 -13.06 38.88
N GLN A 563 -12.21 -13.40 39.99
CA GLN A 563 -12.88 -13.53 41.29
C GLN A 563 -14.05 -14.50 41.18
N VAL A 564 -13.72 -15.75 40.84
CA VAL A 564 -14.73 -16.72 40.45
C VAL A 564 -15.56 -17.15 41.65
N SER A 565 -16.80 -17.56 41.39
CA SER A 565 -17.68 -18.06 42.44
C SER A 565 -17.09 -19.28 43.14
N LEU A 566 -16.54 -20.20 42.35
CA LEU A 566 -16.00 -21.46 42.84
C LEU A 566 -15.26 -22.12 41.70
N LEU A 567 -14.41 -23.10 42.03
CA LEU A 567 -13.47 -23.65 41.07
C LEU A 567 -13.56 -25.17 41.04
N LEU A 568 -13.76 -25.73 39.85
CA LEU A 568 -13.66 -27.17 39.64
C LEU A 568 -12.23 -27.54 39.34
N THR A 569 -11.69 -28.50 40.09
CA THR A 569 -10.29 -28.85 39.95
C THR A 569 -10.16 -30.33 40.30
N GLN A 570 -8.96 -30.88 40.11
CA GLN A 570 -8.65 -32.20 40.62
C GLN A 570 -7.68 -32.07 41.80
N ALA A 571 -7.63 -33.12 42.63
CA ALA A 571 -6.82 -33.08 43.83
C ALA A 571 -5.37 -32.80 43.54
N LYS A 572 -4.95 -33.05 42.32
CA LYS A 572 -3.56 -32.95 41.92
C LYS A 572 -3.19 -31.56 41.45
N LEU A 573 -4.14 -30.64 41.47
CA LEU A 573 -3.90 -29.30 40.96
C LEU A 573 -4.25 -28.23 41.97
N VAL A 574 -5.05 -28.55 43.01
CA VAL A 574 -5.28 -27.60 44.10
C VAL A 574 -3.96 -27.12 44.66
N GLU A 575 -3.04 -28.05 44.89
CA GLU A 575 -1.63 -27.80 45.12
C GLU A 575 -1.03 -26.78 44.14
N LYS A 576 -1.34 -26.90 42.84
CA LYS A 576 -0.84 -25.92 41.87
C LYS A 576 -1.43 -24.54 42.12
N LEU A 577 -2.55 -24.47 42.82
CA LEU A 577 -3.25 -23.26 43.17
C LEU A 577 -2.78 -22.64 44.48
N GLY A 578 -2.74 -21.31 44.52
CA GLY A 578 -2.44 -20.58 45.73
C GLY A 578 -3.66 -20.44 46.63
N ASN A 579 -4.03 -21.55 47.28
CA ASN A 579 -5.16 -21.65 48.21
C ASN A 579 -6.29 -20.68 47.92
N TYR A 580 -6.97 -20.84 46.78
CA TYR A 580 -8.07 -19.98 46.39
C TYR A 580 -9.08 -19.91 47.53
N PRO A 581 -9.24 -18.73 48.14
CA PRO A 581 -10.11 -18.62 49.32
C PRO A 581 -11.56 -18.99 49.05
N GLY A 582 -11.96 -19.11 47.79
CA GLY A 582 -13.32 -19.46 47.45
C GLY A 582 -13.56 -20.95 47.49
N ASN A 583 -14.83 -21.32 47.28
CA ASN A 583 -15.21 -22.72 47.31
C ASN A 583 -14.51 -23.49 46.20
N LEU A 584 -13.98 -24.66 46.55
CA LEU A 584 -13.45 -25.58 45.57
C LEU A 584 -14.43 -26.72 45.36
N VAL A 585 -14.44 -27.26 44.14
CA VAL A 585 -15.22 -28.46 43.83
C VAL A 585 -14.24 -29.48 43.29
N ILE A 586 -13.31 -29.89 44.16
CA ILE A 586 -12.33 -30.94 43.88
C ILE A 586 -13.11 -32.17 43.43
N LEU A 587 -12.94 -32.55 42.17
CA LEU A 587 -13.98 -33.32 41.49
C LEU A 587 -14.05 -34.74 42.05
N GLU A 588 -12.91 -35.42 42.04
CA GLU A 588 -12.85 -36.81 42.48
C GLU A 588 -13.10 -36.95 43.98
N ALA A 589 -12.84 -35.89 44.76
CA ALA A 589 -13.06 -35.92 46.20
C ALA A 589 -14.50 -36.24 46.56
N GLU A 590 -15.43 -35.98 45.63
CA GLU A 590 -16.87 -35.94 45.91
C GLU A 590 -17.64 -36.28 44.64
N GLN A 591 -16.99 -37.02 43.73
CA GLN A 591 -17.67 -37.84 42.72
C GLN A 591 -18.77 -38.70 43.32
N LYS A 592 -18.54 -39.20 44.55
CA LYS A 592 -19.57 -39.95 45.24
C LYS A 592 -20.85 -39.15 45.35
N ASN A 593 -20.74 -37.89 45.80
CA ASN A 593 -21.90 -37.04 45.93
C ASN A 593 -22.47 -36.64 44.58
N ILE A 594 -21.62 -36.61 43.54
CA ILE A 594 -22.10 -36.44 42.16
C ILE A 594 -23.10 -37.52 41.80
N ALA A 595 -22.68 -38.78 41.96
CA ALA A 595 -23.43 -39.91 41.43
C ALA A 595 -24.85 -39.98 41.95
N LEU A 596 -25.12 -39.41 43.12
CA LEU A 596 -26.50 -39.38 43.62
C LEU A 596 -27.40 -38.51 42.76
N GLU A 597 -26.82 -37.60 41.97
CA GLU A 597 -27.63 -36.65 41.22
C GLU A 597 -28.34 -37.33 40.05
N SER A 598 -29.38 -36.65 39.56
CA SER A 598 -30.19 -37.19 38.48
C SER A 598 -29.44 -37.10 37.15
N PRO A 599 -29.68 -38.05 36.23
CA PRO A 599 -29.11 -37.92 34.88
C PRO A 599 -29.96 -37.08 33.93
N GLU A 600 -31.16 -36.66 34.33
CA GLU A 600 -32.07 -35.96 33.44
C GLU A 600 -31.52 -34.59 33.05
N ASN A 601 -31.88 -34.13 31.86
CA ASN A 601 -31.44 -32.79 31.43
C ASN A 601 -32.04 -31.71 32.31
N LEU A 602 -31.19 -31.02 33.06
CA LEU A 602 -31.49 -29.70 33.57
C LEU A 602 -32.02 -28.82 32.45
N SER A 603 -33.25 -28.36 32.60
CA SER A 603 -33.86 -27.50 31.60
C SER A 603 -34.02 -26.08 32.14
N LEU A 604 -32.92 -25.46 32.53
CA LEU A 604 -33.00 -24.15 33.15
C LEU A 604 -33.34 -23.11 32.09
N PRO A 605 -34.08 -22.05 32.45
CA PRO A 605 -34.44 -21.04 31.46
C PRO A 605 -33.26 -20.14 31.10
N VAL A 606 -32.21 -20.72 30.53
CA VAL A 606 -31.02 -19.95 30.19
C VAL A 606 -31.32 -19.08 28.98
N SER A 607 -30.92 -17.81 29.06
CA SER A 607 -31.02 -16.90 27.94
C SER A 607 -29.75 -16.97 27.09
N SER A 608 -29.92 -16.79 25.78
CA SER A 608 -28.77 -16.72 24.89
C SER A 608 -27.93 -15.47 25.11
N SER A 609 -28.41 -14.52 25.92
CA SER A 609 -27.64 -13.35 26.31
C SER A 609 -26.86 -13.56 27.60
N ASN A 610 -27.07 -14.68 28.29
CA ASN A 610 -26.24 -15.01 29.45
C ASN A 610 -24.80 -15.23 29.01
N THR A 611 -23.87 -14.94 29.91
CA THR A 611 -22.46 -15.20 29.62
C THR A 611 -22.22 -16.69 29.52
N ALA A 612 -21.45 -17.09 28.52
CA ALA A 612 -21.06 -18.48 28.35
C ALA A 612 -19.67 -18.78 28.88
N TYR A 613 -18.74 -17.84 28.72
CA TYR A 613 -17.39 -18.00 29.22
C TYR A 613 -16.69 -16.64 29.20
N VAL A 614 -15.60 -16.55 29.96
CA VAL A 614 -14.78 -15.33 30.03
C VAL A 614 -13.37 -15.74 29.60
N ILE A 615 -13.07 -15.54 28.33
CA ILE A 615 -11.75 -15.86 27.77
C ILE A 615 -10.80 -14.73 28.11
N TYR A 616 -9.65 -15.07 28.67
CA TYR A 616 -8.67 -14.09 29.12
C TYR A 616 -7.54 -13.95 28.11
N THR A 617 -7.24 -12.72 27.73
CA THR A 617 -6.17 -12.41 26.80
C THR A 617 -5.20 -11.42 27.43
N SER A 618 -4.24 -10.95 26.63
CA SER A 618 -3.26 -9.97 27.07
C SER A 618 -3.28 -8.79 26.11
N GLY A 619 -3.26 -7.58 26.68
CA GLY A 619 -3.11 -6.39 25.88
C GLY A 619 -1.68 -6.26 25.36
N SER A 620 -1.44 -5.14 24.66
CA SER A 620 -0.13 -4.91 24.09
C SER A 620 0.96 -4.85 25.15
N THR A 621 0.63 -4.37 26.34
CA THR A 621 1.60 -4.23 27.42
C THR A 621 1.63 -5.42 28.36
N GLY A 622 0.63 -6.30 28.31
CA GLY A 622 0.64 -7.52 29.08
C GLY A 622 -0.26 -7.55 30.29
N LYS A 623 -1.40 -6.86 30.27
CA LYS A 623 -2.32 -7.00 31.39
C LYS A 623 -3.39 -8.01 31.10
N PRO A 624 -4.00 -8.58 32.14
CA PRO A 624 -5.13 -9.49 31.92
C PRO A 624 -6.38 -8.73 31.50
N LYS A 625 -7.15 -9.34 30.61
CA LYS A 625 -8.43 -8.79 30.19
C LYS A 625 -9.33 -9.95 29.82
N GLY A 626 -10.40 -10.12 30.60
CA GLY A 626 -11.35 -11.20 30.36
C GLY A 626 -12.47 -10.82 29.43
N VAL A 627 -12.62 -11.58 28.34
CA VAL A 627 -13.59 -11.27 27.30
C VAL A 627 -14.89 -12.01 27.61
N VAL A 628 -15.96 -11.27 27.85
CA VAL A 628 -17.25 -11.83 28.22
C VAL A 628 -18.00 -12.19 26.94
N ILE A 629 -18.09 -13.48 26.65
CA ILE A 629 -18.76 -13.99 25.46
C ILE A 629 -20.08 -14.62 25.86
N GLU A 630 -21.16 -14.20 25.21
CA GLU A 630 -22.50 -14.73 25.46
C GLU A 630 -22.76 -15.98 24.62
N HIS A 631 -23.86 -16.65 24.94
CA HIS A 631 -24.22 -17.88 24.23
C HIS A 631 -24.50 -17.60 22.76
N HIS A 632 -25.29 -16.55 22.48
CA HIS A 632 -25.73 -16.30 21.11
C HIS A 632 -24.55 -16.03 20.18
N SER A 633 -23.46 -15.47 20.70
CA SER A 633 -22.29 -15.27 19.85
C SER A 633 -21.62 -16.60 19.51
N THR A 634 -21.59 -17.53 20.47
CA THR A 634 -21.02 -18.84 20.20
C THR A 634 -21.93 -19.66 19.29
N THR A 635 -23.24 -19.68 19.59
CA THR A 635 -24.17 -20.42 18.75
C THR A 635 -24.15 -19.91 17.32
N THR A 636 -24.05 -18.59 17.13
CA THR A 636 -23.94 -18.03 15.79
C THR A 636 -22.72 -18.58 15.07
N LEU A 637 -21.58 -18.65 15.78
CA LEU A 637 -20.38 -19.23 15.18
C LEU A 637 -20.61 -20.70 14.82
N LEU A 638 -21.16 -21.48 15.76
CA LEU A 638 -21.38 -22.90 15.51
C LEU A 638 -22.42 -23.12 14.42
N ASN A 639 -23.53 -22.37 14.47
CA ASN A 639 -24.56 -22.52 13.45
C ASN A 639 -24.01 -22.19 12.07
N TRP A 640 -23.20 -21.13 11.97
CA TRP A 640 -22.53 -20.83 10.71
C TRP A 640 -21.61 -21.96 10.29
N SER A 641 -20.87 -22.53 11.25
CA SER A 641 -19.96 -23.62 10.94
C SER A 641 -20.71 -24.85 10.43
N LYS A 642 -21.93 -25.07 10.92
CA LYS A 642 -22.77 -26.15 10.38
C LYS A 642 -22.97 -26.00 8.88
N GLU A 643 -23.18 -24.77 8.41
CA GLU A 643 -23.39 -24.54 6.99
C GLU A 643 -22.11 -24.82 6.20
N VAL A 644 -20.96 -24.41 6.73
CA VAL A 644 -19.74 -24.40 5.93
C VAL A 644 -19.08 -25.77 5.91
N PHE A 645 -18.97 -26.42 7.06
CA PHE A 645 -18.24 -27.68 7.18
C PHE A 645 -19.22 -28.85 7.13
N SER A 646 -18.90 -29.86 6.33
CA SER A 646 -19.77 -31.01 6.14
C SER A 646 -19.75 -31.91 7.37
N SER A 647 -20.66 -32.90 7.36
CA SER A 647 -20.66 -33.90 8.42
C SER A 647 -19.43 -34.81 8.31
N GLU A 648 -18.92 -35.02 7.09
CA GLU A 648 -17.73 -35.82 6.94
C GLU A 648 -16.48 -35.08 7.37
N GLU A 649 -16.47 -33.75 7.22
CA GLU A 649 -15.38 -32.96 7.79
C GLU A 649 -15.47 -32.92 9.31
N LEU A 650 -16.69 -32.90 9.84
CA LEU A 650 -16.93 -32.82 11.27
C LEU A 650 -17.06 -34.18 11.93
N ALA A 651 -16.68 -35.26 11.23
CA ALA A 651 -16.77 -36.59 11.82
C ALA A 651 -15.89 -36.70 13.06
N GLY A 652 -14.61 -36.36 12.92
CA GLY A 652 -13.71 -36.31 14.05
C GLY A 652 -12.91 -35.02 14.07
N VAL A 653 -13.19 -34.16 15.05
CA VAL A 653 -12.52 -32.86 15.16
C VAL A 653 -11.45 -32.98 16.24
N LEU A 654 -10.20 -32.68 15.89
CA LEU A 654 -9.11 -32.80 16.82
C LEU A 654 -9.17 -31.71 17.88
N GLY A 655 -9.11 -32.10 19.14
CA GLY A 655 -9.04 -31.15 20.24
C GLY A 655 -7.62 -30.93 20.70
N SER A 656 -6.91 -30.00 20.05
CA SER A 656 -5.52 -29.75 20.33
C SER A 656 -5.27 -28.45 21.08
N THR A 657 -6.14 -27.46 20.92
CA THR A 657 -5.91 -26.15 21.49
C THR A 657 -6.31 -26.12 22.96
N SER A 658 -5.44 -25.52 23.78
CA SER A 658 -5.76 -25.27 25.18
C SER A 658 -7.07 -24.48 25.28
N ILE A 659 -7.92 -24.88 26.23
CA ILE A 659 -9.17 -24.16 26.44
C ILE A 659 -8.96 -22.73 26.92
N CYS A 660 -7.74 -22.38 27.36
CA CYS A 660 -7.41 -20.99 27.61
C CYS A 660 -7.57 -20.13 26.37
N PHE A 661 -7.53 -20.74 25.19
CA PHE A 661 -7.62 -20.05 23.92
C PHE A 661 -8.94 -20.38 23.23
N ASP A 662 -9.45 -19.42 22.45
CA ASP A 662 -10.81 -19.48 21.92
C ASP A 662 -10.97 -20.47 20.77
N LEU A 663 -9.88 -20.95 20.16
CA LEU A 663 -10.01 -21.98 19.14
C LEU A 663 -10.53 -23.29 19.72
N SER A 664 -10.45 -23.46 21.05
CA SER A 664 -11.04 -24.63 21.69
C SER A 664 -12.56 -24.60 21.64
N VAL A 665 -13.15 -23.40 21.58
CA VAL A 665 -14.60 -23.28 21.48
C VAL A 665 -15.10 -23.88 20.18
N PHE A 666 -14.30 -23.78 19.12
CA PHE A 666 -14.65 -24.37 17.83
C PHE A 666 -14.42 -25.89 17.85
N GLU A 667 -13.30 -26.33 18.41
CA GLU A 667 -12.91 -27.74 18.31
C GLU A 667 -13.79 -28.64 19.16
N LEU A 668 -14.30 -28.15 20.29
CA LEU A 668 -15.04 -28.99 21.21
C LEU A 668 -16.55 -28.98 20.92
N PHE A 669 -17.16 -27.80 20.93
CA PHE A 669 -18.61 -27.71 20.89
C PHE A 669 -19.20 -27.94 19.50
N LEU A 670 -18.40 -27.80 18.43
CA LEU A 670 -18.94 -27.96 17.09
C LEU A 670 -19.25 -29.42 16.76
N PRO A 671 -18.34 -30.38 16.97
CA PRO A 671 -18.73 -31.79 16.72
C PRO A 671 -19.86 -32.25 17.62
N LEU A 672 -19.92 -31.76 18.85
CA LEU A 672 -21.03 -32.09 19.74
C LEU A 672 -22.34 -31.50 19.25
N ALA A 673 -22.30 -30.48 18.39
CA ALA A 673 -23.51 -29.85 17.88
C ALA A 673 -24.05 -30.54 16.63
N VAL A 674 -23.24 -31.36 15.96
CA VAL A 674 -23.63 -31.95 14.69
C VAL A 674 -23.66 -33.47 14.71
N GLY A 675 -22.99 -34.12 15.67
CA GLY A 675 -22.92 -35.57 15.71
C GLY A 675 -21.52 -36.14 15.62
N GLY A 676 -20.52 -35.33 15.29
CA GLY A 676 -19.15 -35.81 15.27
C GLY A 676 -18.64 -36.12 16.67
N LYS A 677 -17.33 -36.30 16.75
CA LYS A 677 -16.71 -36.66 18.03
C LYS A 677 -15.42 -35.88 18.22
N ILE A 678 -15.17 -35.49 19.46
CA ILE A 678 -13.88 -34.88 19.82
C ILE A 678 -12.83 -35.97 19.82
N ILE A 679 -11.79 -35.78 19.01
CA ILE A 679 -10.57 -36.59 19.10
C ILE A 679 -9.61 -35.79 19.96
N LEU A 680 -9.56 -36.12 21.25
CA LEU A 680 -8.90 -35.28 22.24
C LEU A 680 -7.41 -35.57 22.29
N ALA A 681 -6.60 -34.51 22.30
CA ALA A 681 -5.16 -34.61 22.45
C ALA A 681 -4.69 -33.51 23.39
N GLN A 682 -3.47 -33.65 23.88
CA GLN A 682 -2.90 -32.60 24.72
C GLN A 682 -2.53 -31.37 23.89
N ASN A 683 -2.12 -31.58 22.65
CA ASN A 683 -1.80 -30.51 21.71
C ASN A 683 -1.69 -31.15 20.33
N VAL A 684 -1.57 -30.31 19.31
CA VAL A 684 -1.54 -30.80 17.93
C VAL A 684 -0.26 -31.59 17.64
N LEU A 685 0.75 -31.46 18.49
CA LEU A 685 2.00 -32.18 18.26
C LEU A 685 1.98 -33.60 18.83
N ASP A 686 1.00 -33.92 19.67
CA ASP A 686 0.77 -35.30 20.10
C ASP A 686 -0.03 -36.11 19.08
N LEU A 687 -0.62 -35.45 18.09
CA LEU A 687 -1.46 -36.11 17.10
C LEU A 687 -0.85 -37.39 16.50
N PRO A 688 0.41 -37.41 16.05
CA PRO A 688 0.93 -38.66 15.46
C PRO A 688 0.96 -39.81 16.44
N SER A 689 1.22 -39.55 17.72
CA SER A 689 1.28 -40.58 18.75
C SER A 689 -0.07 -40.84 19.40
N LEU A 690 -1.16 -40.69 18.66
CA LEU A 690 -2.50 -40.78 19.21
C LEU A 690 -3.24 -41.97 18.60
N SER A 691 -4.01 -42.66 19.44
CA SER A 691 -4.73 -43.85 18.99
C SER A 691 -5.72 -43.51 17.88
N ALA A 692 -6.57 -42.51 18.12
CA ALA A 692 -7.63 -42.15 17.19
C ALA A 692 -7.19 -41.14 16.14
N ALA A 693 -5.89 -41.05 15.86
CA ALA A 693 -5.43 -40.18 14.79
C ALA A 693 -6.08 -40.56 13.46
N LYS A 694 -6.32 -41.85 13.26
CA LYS A 694 -7.03 -42.33 12.08
C LYS A 694 -8.41 -41.71 11.96
N GLU A 695 -9.02 -41.36 13.09
CA GLU A 695 -10.38 -40.83 13.09
C GLU A 695 -10.45 -39.33 12.84
N VAL A 696 -9.31 -38.64 12.82
CA VAL A 696 -9.32 -37.19 12.68
C VAL A 696 -9.63 -36.83 11.24
N THR A 697 -10.73 -36.09 11.04
CA THR A 697 -11.10 -35.58 9.73
C THR A 697 -10.87 -34.09 9.57
N LEU A 698 -10.67 -33.36 10.67
CA LEU A 698 -10.45 -31.93 10.63
C LEU A 698 -9.49 -31.56 11.75
N ILE A 699 -8.56 -30.66 11.45
CA ILE A 699 -7.71 -30.08 12.48
C ILE A 699 -7.87 -28.56 12.44
N ASN A 700 -7.75 -27.95 13.61
CA ASN A 700 -7.97 -26.51 13.79
C ASN A 700 -6.77 -25.95 14.53
N THR A 701 -5.81 -25.39 13.80
CA THR A 701 -4.54 -25.02 14.40
C THR A 701 -4.00 -23.77 13.73
N VAL A 702 -2.68 -23.60 13.80
CA VAL A 702 -2.02 -22.35 13.49
C VAL A 702 -0.96 -22.71 12.45
N PRO A 703 -0.60 -21.82 11.52
CA PRO A 703 0.30 -22.23 10.42
C PRO A 703 1.59 -22.91 10.83
N THR A 704 2.28 -22.44 11.88
CA THR A 704 3.56 -23.05 12.23
C THR A 704 3.39 -24.49 12.66
N ALA A 705 2.33 -24.78 13.42
CA ALA A 705 2.14 -26.13 13.92
C ALA A 705 1.87 -27.12 12.79
N ILE A 706 1.06 -26.72 11.80
CA ILE A 706 0.81 -27.63 10.68
C ILE A 706 2.05 -27.78 9.80
N ALA A 707 2.93 -26.77 9.79
CA ALA A 707 4.23 -26.96 9.14
C ALA A 707 5.06 -27.98 9.90
N GLN A 708 5.06 -27.90 11.24
CA GLN A 708 5.73 -28.90 12.07
C GLN A 708 5.28 -30.31 11.69
N LEU A 709 3.97 -30.53 11.66
CA LEU A 709 3.42 -31.84 11.35
C LEU A 709 3.69 -32.25 9.91
N LEU A 710 4.00 -31.30 9.03
CA LEU A 710 4.14 -31.63 7.61
C LEU A 710 5.52 -32.20 7.31
N GLU A 711 6.57 -31.68 7.96
CA GLU A 711 7.92 -32.17 7.70
C GLU A 711 8.03 -33.66 7.96
N ILE A 712 7.38 -34.15 9.02
CA ILE A 712 7.57 -35.53 9.47
C ILE A 712 6.45 -36.43 8.94
N GLU A 713 5.65 -35.90 8.01
CA GLU A 713 4.54 -36.63 7.40
C GLU A 713 3.62 -37.20 8.49
N ALA A 714 3.10 -36.30 9.32
CA ALA A 714 2.33 -36.67 10.50
C ALA A 714 0.85 -36.40 10.37
N ILE A 715 0.39 -35.83 9.26
CA ILE A 715 -1.03 -35.57 9.06
C ILE A 715 -1.72 -36.86 8.64
N PRO A 716 -2.70 -37.35 9.40
CA PRO A 716 -3.44 -38.53 8.96
C PRO A 716 -4.09 -38.32 7.60
N GLU A 717 -3.95 -39.33 6.74
CA GLU A 717 -4.55 -39.33 5.41
C GLU A 717 -6.08 -39.33 5.44
N THR A 718 -6.67 -39.40 6.62
CA THR A 718 -8.11 -39.22 6.75
C THR A 718 -8.49 -37.77 7.00
N VAL A 719 -7.52 -36.91 7.30
CA VAL A 719 -7.77 -35.48 7.41
C VAL A 719 -8.16 -34.93 6.04
N ARG A 720 -9.30 -34.25 5.97
CA ARG A 720 -9.78 -33.70 4.71
C ARG A 720 -9.94 -32.19 4.74
N THR A 721 -9.75 -31.54 5.89
CA THR A 721 -9.85 -30.09 5.97
C THR A 721 -8.86 -29.58 7.02
N VAL A 722 -8.20 -28.47 6.70
CA VAL A 722 -7.24 -27.84 7.60
C VAL A 722 -7.68 -26.40 7.82
N ASN A 723 -7.97 -26.06 9.08
CA ASN A 723 -8.31 -24.70 9.48
C ASN A 723 -7.07 -24.04 10.07
N LEU A 724 -6.61 -22.96 9.45
CA LEU A 724 -5.41 -22.26 9.87
C LEU A 724 -5.73 -20.84 10.28
N ALA A 725 -5.12 -20.40 11.38
CA ALA A 725 -5.37 -19.09 11.94
C ALA A 725 -4.41 -18.78 13.06
N GLY A 726 -3.81 -17.59 13.04
CA GLY A 726 -2.94 -17.21 14.13
C GLY A 726 -1.60 -16.61 13.75
N GLU A 727 -1.03 -17.00 12.61
CA GLU A 727 0.03 -16.16 12.05
C GLU A 727 -0.07 -16.13 10.52
N ALA A 728 0.90 -15.44 9.93
CA ALA A 728 0.97 -15.30 8.48
C ALA A 728 0.93 -16.65 7.80
N LEU A 729 0.07 -16.79 6.79
CA LEU A 729 -0.10 -18.06 6.10
C LEU A 729 0.55 -17.90 4.75
N SER A 730 1.59 -18.69 4.49
CA SER A 730 2.25 -18.65 3.19
C SER A 730 1.53 -19.56 2.19
N ASN A 731 1.25 -19.03 0.99
CA ASN A 731 0.64 -19.86 -0.05
C ASN A 731 1.51 -21.06 -0.38
N GLN A 732 2.82 -20.93 -0.19
CA GLN A 732 3.73 -22.06 -0.31
C GLN A 732 3.28 -23.22 0.58
N LEU A 733 2.68 -22.92 1.74
CA LEU A 733 2.31 -23.97 2.68
C LEU A 733 0.97 -24.60 2.33
N VAL A 734 -0.04 -23.79 2.00
CA VAL A 734 -1.31 -24.38 1.58
C VAL A 734 -1.11 -25.28 0.37
N GLN A 735 -0.08 -25.02 -0.43
CA GLN A 735 0.12 -25.80 -1.64
C GLN A 735 0.72 -27.15 -1.30
N LYS A 736 1.54 -27.21 -0.23
CA LYS A 736 2.02 -28.50 0.26
C LYS A 736 0.85 -29.32 0.78
N LEU A 737 0.04 -28.69 1.63
CA LEU A 737 -1.13 -29.35 2.25
C LEU A 737 -2.09 -29.93 1.18
N TYR A 738 -2.39 -29.15 0.15
CA TYR A 738 -3.19 -29.67 -0.94
C TYR A 738 -2.48 -30.79 -1.68
N GLN A 739 -1.15 -30.82 -1.64
CA GLN A 739 -0.42 -31.88 -2.34
C GLN A 739 -0.60 -33.23 -1.65
N GLN A 740 -0.87 -33.23 -0.35
CA GLN A 740 -1.43 -34.42 0.27
C GLN A 740 -2.88 -34.54 -0.18
N GLU A 741 -3.16 -35.49 -1.07
CA GLU A 741 -4.39 -35.44 -1.86
C GLU A 741 -5.65 -35.60 -1.00
N ASN A 742 -5.54 -36.23 0.17
CA ASN A 742 -6.72 -36.34 1.01
C ASN A 742 -7.16 -34.99 1.56
N ILE A 743 -6.22 -34.06 1.78
CA ILE A 743 -6.58 -32.73 2.23
C ILE A 743 -7.36 -32.03 1.12
N LYS A 744 -8.62 -31.72 1.40
CA LYS A 744 -9.57 -31.24 0.40
C LYS A 744 -9.92 -29.77 0.55
N ASN A 745 -9.89 -29.23 1.76
CA ASN A 745 -10.12 -27.81 1.99
C ASN A 745 -9.05 -27.26 2.93
N VAL A 746 -8.51 -26.10 2.59
CA VAL A 746 -7.56 -25.39 3.43
C VAL A 746 -8.11 -23.99 3.66
N TYR A 747 -8.38 -23.65 4.91
CA TYR A 747 -9.01 -22.39 5.27
C TYR A 747 -8.04 -21.48 6.00
N ASN A 748 -8.04 -20.21 5.63
CA ASN A 748 -7.41 -19.15 6.40
C ASN A 748 -8.52 -18.37 7.09
N LEU A 749 -8.52 -18.35 8.42
CA LEU A 749 -9.54 -17.67 9.19
C LEU A 749 -8.93 -16.63 10.09
N TYR A 750 -9.70 -15.59 10.39
CA TYR A 750 -9.24 -14.51 11.26
C TYR A 750 -10.34 -14.18 12.27
N GLY A 751 -9.91 -13.71 13.44
CA GLY A 751 -10.84 -13.28 14.46
C GLY A 751 -10.17 -13.05 15.80
N PRO A 752 -10.35 -11.86 16.35
CA PRO A 752 -9.91 -11.62 17.73
C PRO A 752 -10.88 -12.25 18.71
N SER A 753 -10.40 -12.42 19.95
CA SER A 753 -11.24 -13.01 20.99
C SER A 753 -12.48 -12.18 21.24
N GLU A 754 -12.41 -10.88 20.98
CA GLU A 754 -13.53 -9.98 21.23
C GLU A 754 -14.68 -10.18 20.25
N ASP A 755 -14.49 -10.97 19.19
CA ASP A 755 -15.57 -11.24 18.24
C ASP A 755 -15.80 -12.75 18.15
N THR A 756 -15.92 -13.40 19.30
CA THR A 756 -15.98 -14.86 19.39
C THR A 756 -14.67 -15.41 18.77
N THR A 757 -14.71 -16.55 18.10
CA THR A 757 -13.45 -17.19 17.72
C THR A 757 -12.98 -16.79 16.32
N TYR A 758 -13.88 -16.80 15.35
CA TYR A 758 -13.55 -16.43 13.98
C TYR A 758 -14.42 -15.28 13.53
N SER A 759 -13.84 -14.36 12.78
CA SER A 759 -14.55 -13.21 12.21
C SER A 759 -14.65 -13.26 10.70
N THR A 760 -13.57 -13.67 10.02
CA THR A 760 -13.54 -13.78 8.57
C THR A 760 -12.94 -15.12 8.18
N PHE A 761 -13.28 -15.59 6.99
CA PHE A 761 -12.84 -16.90 6.52
C PHE A 761 -12.55 -16.85 5.03
N SER A 762 -11.57 -17.65 4.62
CA SER A 762 -11.18 -17.76 3.22
C SER A 762 -10.83 -19.21 2.92
N LEU A 763 -11.60 -19.84 2.03
CA LEU A 763 -11.25 -21.15 1.50
C LEU A 763 -10.18 -20.92 0.43
N VAL A 764 -8.93 -20.89 0.86
CA VAL A 764 -7.79 -20.57 -0.02
C VAL A 764 -7.77 -21.56 -1.17
N PRO A 765 -7.82 -21.08 -2.42
CA PRO A 765 -7.92 -22.00 -3.55
C PRO A 765 -6.67 -22.86 -3.73
N LYS A 766 -6.89 -24.04 -4.30
CA LYS A 766 -5.79 -24.86 -4.78
C LYS A 766 -5.14 -24.22 -5.99
N GLY A 767 -3.81 -24.12 -5.98
CA GLY A 767 -3.11 -23.42 -7.04
C GLY A 767 -3.27 -21.91 -7.00
N HIS A 768 -3.88 -21.39 -5.94
CA HIS A 768 -4.06 -19.95 -5.79
C HIS A 768 -2.72 -19.22 -5.86
N HIS A 769 -2.72 -18.08 -6.53
CA HIS A 769 -1.51 -17.30 -6.74
C HIS A 769 -1.47 -16.12 -5.78
N GLY A 770 -0.33 -15.92 -5.13
CA GLY A 770 -0.12 -14.79 -4.27
C GLY A 770 -0.52 -15.03 -2.83
N GLN A 771 -0.40 -13.97 -2.04
CA GLN A 771 -0.78 -13.92 -0.64
C GLN A 771 -2.17 -14.52 -0.43
N PRO A 772 -2.32 -15.48 0.48
CA PRO A 772 -3.68 -15.83 0.93
C PRO A 772 -4.26 -14.68 1.74
N SER A 773 -5.55 -14.44 1.53
CA SER A 773 -6.25 -13.42 2.30
C SER A 773 -6.91 -14.05 3.51
N ILE A 774 -7.44 -13.20 4.41
CA ILE A 774 -8.28 -13.69 5.49
C ILE A 774 -9.74 -13.75 5.09
N GLY A 775 -10.06 -13.47 3.83
CA GLY A 775 -11.39 -13.68 3.30
C GLY A 775 -12.35 -12.55 3.54
N ARG A 776 -13.60 -12.89 3.84
CA ARG A 776 -14.60 -11.87 4.12
C ARG A 776 -15.48 -12.37 5.26
N PRO A 777 -16.31 -11.51 5.87
CA PRO A 777 -16.92 -11.87 7.16
C PRO A 777 -17.78 -13.12 7.11
N ILE A 778 -17.93 -13.74 8.29
CA ILE A 778 -18.82 -14.87 8.49
C ILE A 778 -20.22 -14.36 8.82
N ALA A 779 -21.15 -15.27 9.07
CA ALA A 779 -22.55 -14.90 9.21
C ALA A 779 -22.78 -13.90 10.33
N ASN A 780 -23.59 -12.88 10.04
CA ASN A 780 -23.99 -11.86 11.01
C ASN A 780 -22.80 -11.06 11.53
N THR A 781 -21.75 -10.94 10.72
CA THR A 781 -20.56 -10.17 11.05
C THR A 781 -20.31 -9.14 9.97
N GLN A 782 -19.88 -7.95 10.38
CA GLN A 782 -19.58 -6.87 9.46
C GLN A 782 -18.15 -6.40 9.69
N VAL A 783 -17.52 -5.91 8.62
CA VAL A 783 -16.14 -5.47 8.64
C VAL A 783 -16.07 -4.06 8.06
N TYR A 784 -15.22 -3.22 8.64
CA TYR A 784 -15.00 -1.87 8.15
C TYR A 784 -13.53 -1.51 8.24
N ILE A 785 -13.07 -0.74 7.26
CA ILE A 785 -11.71 -0.20 7.25
C ILE A 785 -11.83 1.32 7.39
N LEU A 786 -11.51 1.83 8.57
CA LEU A 786 -11.74 3.22 8.93
C LEU A 786 -10.42 3.92 9.20
N ASP A 787 -10.49 5.25 9.25
CA ASP A 787 -9.37 6.08 9.64
C ASP A 787 -9.51 6.46 11.12
N SER A 788 -8.70 7.41 11.57
CA SER A 788 -8.75 7.83 12.97
C SER A 788 -10.05 8.52 13.31
N PHE A 789 -10.64 9.25 12.35
CA PHE A 789 -11.92 9.91 12.54
C PHE A 789 -13.10 9.00 12.18
N LYS A 790 -12.86 7.68 12.14
CA LYS A 790 -13.90 6.69 11.85
C LYS A 790 -14.52 6.91 10.48
N GLN A 791 -13.74 7.42 9.55
CA GLN A 791 -14.20 7.52 8.17
C GLN A 791 -13.71 6.33 7.36
N PRO A 792 -14.57 5.74 6.53
CA PRO A 792 -14.11 4.66 5.66
C PRO A 792 -13.03 5.15 4.71
N VAL A 793 -11.99 4.34 4.53
CA VAL A 793 -10.90 4.68 3.63
C VAL A 793 -11.29 4.27 2.22
N PRO A 794 -10.75 4.91 1.18
CA PRO A 794 -11.03 4.47 -0.19
C PRO A 794 -10.71 3.00 -0.41
N LEU A 795 -11.31 2.40 -1.42
CA LEU A 795 -11.03 1.02 -1.76
C LEU A 795 -9.55 0.86 -2.08
N GLY A 796 -8.88 -0.04 -1.36
CA GLY A 796 -7.47 -0.30 -1.55
C GLY A 796 -6.55 0.41 -0.57
N THR A 797 -7.07 1.36 0.19
CA THR A 797 -6.27 2.12 1.14
C THR A 797 -6.19 1.40 2.48
N ILE A 798 -5.03 1.51 3.13
CA ILE A 798 -4.79 0.87 4.42
C ILE A 798 -5.53 1.63 5.52
N GLY A 799 -6.12 0.89 6.45
CA GLY A 799 -6.80 1.53 7.56
C GLY A 799 -7.00 0.55 8.70
N ASP A 800 -7.67 1.05 9.74
CA ASP A 800 -7.91 0.25 10.94
C ASP A 800 -9.07 -0.70 10.71
N LEU A 801 -8.88 -1.96 11.11
CA LEU A 801 -9.91 -2.97 10.98
C LEU A 801 -10.87 -2.90 12.15
N TYR A 802 -12.15 -2.66 11.87
CA TYR A 802 -13.21 -2.72 12.86
C TYR A 802 -14.14 -3.89 12.54
N ILE A 803 -14.77 -4.43 13.58
CA ILE A 803 -15.67 -5.57 13.44
C ILE A 803 -16.94 -5.29 14.21
N GLY A 804 -18.08 -5.58 13.59
CA GLY A 804 -19.36 -5.56 14.28
C GLY A 804 -20.11 -6.86 14.07
N GLY A 805 -21.28 -6.93 14.69
CA GLY A 805 -22.19 -8.02 14.47
C GLY A 805 -22.43 -8.87 15.71
N GLU A 806 -23.00 -10.05 15.46
CA GLU A 806 -23.46 -10.94 16.52
C GLU A 806 -22.32 -11.57 17.32
N GLY A 807 -21.06 -11.46 16.84
CA GLY A 807 -19.98 -12.09 17.56
C GLY A 807 -19.33 -11.25 18.63
N LEU A 808 -19.70 -9.98 18.75
CA LEU A 808 -19.01 -9.07 19.66
C LEU A 808 -19.30 -9.44 21.12
N ALA A 809 -18.28 -9.29 21.95
CA ALA A 809 -18.42 -9.55 23.38
C ALA A 809 -19.29 -8.48 24.04
N ARG A 810 -19.90 -8.85 25.16
CA ARG A 810 -20.48 -7.86 26.07
C ARG A 810 -19.45 -6.81 26.44
N CYS A 811 -18.36 -7.21 27.08
CA CYS A 811 -17.47 -6.24 27.69
C CYS A 811 -16.18 -6.93 28.11
N TYR A 812 -15.24 -6.11 28.57
CA TYR A 812 -14.09 -6.56 29.33
C TYR A 812 -14.49 -6.66 30.79
N LEU A 813 -14.21 -7.79 31.42
CA LEU A 813 -14.64 -8.03 32.79
C LEU A 813 -14.00 -7.03 33.75
N ASN A 814 -14.84 -6.37 34.54
CA ASN A 814 -14.40 -5.41 35.56
C ASN A 814 -13.59 -4.26 34.97
N GLN A 815 -13.85 -3.90 33.71
CA GLN A 815 -13.11 -2.84 33.03
C GLN A 815 -14.05 -2.11 32.07
N PRO A 816 -14.96 -1.30 32.60
CA PRO A 816 -15.93 -0.63 31.71
C PRO A 816 -15.34 0.48 30.88
N GLU A 817 -14.26 1.12 31.35
CA GLU A 817 -13.65 2.21 30.59
C GLU A 817 -12.93 1.69 29.35
N LEU A 818 -12.16 0.61 29.51
CA LEU A 818 -11.53 -0.03 28.36
C LEU A 818 -12.58 -0.59 27.40
N THR A 819 -13.73 -1.02 27.92
CA THR A 819 -14.80 -1.50 27.06
C THR A 819 -15.33 -0.39 26.16
N ALA A 820 -15.56 0.80 26.72
CA ALA A 820 -15.99 1.93 25.91
C ALA A 820 -14.94 2.31 24.88
N GLU A 821 -13.66 2.25 25.25
CA GLU A 821 -12.59 2.63 24.33
C GLU A 821 -12.55 1.70 23.13
N LYS A 822 -12.66 0.39 23.35
CA LYS A 822 -12.50 -0.60 22.30
C LYS A 822 -13.80 -0.94 21.58
N PHE A 823 -14.95 -0.80 22.25
CA PHE A 823 -16.25 -1.07 21.64
C PHE A 823 -16.96 0.26 21.49
N ILE A 824 -16.87 0.84 20.30
CA ILE A 824 -17.33 2.19 20.05
C ILE A 824 -18.70 2.14 19.40
N SER A 825 -19.38 3.28 19.39
CA SER A 825 -20.67 3.39 18.72
C SER A 825 -20.52 3.07 17.24
N ASN A 826 -21.47 2.31 16.71
CA ASN A 826 -21.41 1.84 15.34
C ASN A 826 -22.00 2.90 14.42
N PRO A 827 -21.20 3.62 13.63
CA PRO A 827 -21.76 4.66 12.77
C PRO A 827 -22.58 4.14 11.61
N PHE A 828 -22.53 2.82 11.34
CA PHE A 828 -23.13 2.24 10.15
C PHE A 828 -24.30 1.32 10.46
N SER A 829 -24.96 1.54 11.60
CA SER A 829 -26.15 0.78 11.95
C SER A 829 -27.08 1.66 12.77
N ASN A 830 -28.38 1.43 12.60
CA ASN A 830 -29.39 2.14 13.38
C ASN A 830 -29.77 1.40 14.66
N GLU A 831 -29.37 0.13 14.80
CA GLU A 831 -29.74 -0.64 15.97
C GLU A 831 -29.19 0.03 17.23
N PRO A 832 -29.90 -0.06 18.35
CA PRO A 832 -29.45 0.61 19.58
C PRO A 832 -28.15 0.07 20.12
N ASN A 833 -28.05 -1.26 20.26
CA ASN A 833 -26.88 -1.87 20.85
C ASN A 833 -25.66 -1.84 19.93
N ALA A 834 -25.84 -1.47 18.65
CA ALA A 834 -24.81 -1.59 17.63
C ALA A 834 -23.46 -1.02 18.07
N LYS A 835 -22.48 -1.89 18.22
CA LYS A 835 -21.11 -1.52 18.54
C LYS A 835 -20.18 -1.88 17.39
N LEU A 836 -18.95 -1.38 17.50
CA LEU A 836 -17.84 -1.80 16.64
C LEU A 836 -16.64 -2.03 17.55
N TYR A 837 -15.94 -3.14 17.34
CA TYR A 837 -14.75 -3.45 18.12
C TYR A 837 -13.52 -2.94 17.37
N LYS A 838 -12.72 -2.10 18.04
CA LYS A 838 -11.46 -1.63 17.48
C LYS A 838 -10.42 -2.74 17.64
N THR A 839 -10.04 -3.36 16.52
CA THR A 839 -9.16 -4.52 16.60
C THR A 839 -7.72 -4.13 16.92
N GLY A 840 -7.31 -2.93 16.55
CA GLY A 840 -5.91 -2.58 16.61
C GLY A 840 -5.09 -3.16 15.47
N ASP A 841 -5.73 -3.81 14.50
CA ASP A 841 -5.06 -4.35 13.33
C ASP A 841 -5.28 -3.44 12.13
N LEU A 842 -4.35 -3.49 11.19
CA LEU A 842 -4.47 -2.78 9.93
C LEU A 842 -4.91 -3.74 8.84
N ALA A 843 -5.57 -3.22 7.81
CA ALA A 843 -6.08 -4.05 6.73
C ALA A 843 -6.45 -3.15 5.55
N ARG A 844 -6.67 -3.81 4.41
CA ARG A 844 -7.22 -3.16 3.23
C ARG A 844 -8.01 -4.20 2.45
N TYR A 845 -8.92 -3.72 1.61
CA TYR A 845 -9.71 -4.59 0.76
C TYR A 845 -8.99 -4.83 -0.56
N LEU A 846 -8.98 -6.09 -0.99
CA LEU A 846 -8.70 -6.39 -2.37
C LEU A 846 -9.90 -5.97 -3.21
N PRO A 847 -9.73 -5.79 -4.53
CA PRO A 847 -10.85 -5.35 -5.35
C PRO A 847 -12.05 -6.28 -5.32
N ASP A 848 -11.85 -7.58 -5.10
CA ASP A 848 -12.94 -8.54 -5.09
C ASP A 848 -13.65 -8.60 -3.74
N GLY A 849 -13.31 -7.73 -2.80
CA GLY A 849 -13.92 -7.72 -1.49
C GLY A 849 -13.19 -8.52 -0.43
N ASN A 850 -12.29 -9.42 -0.84
CA ASN A 850 -11.45 -10.13 0.12
C ASN A 850 -10.58 -9.15 0.89
N ILE A 851 -10.35 -9.46 2.17
CA ILE A 851 -9.62 -8.58 3.06
C ILE A 851 -8.17 -9.02 3.14
N ASP A 852 -7.26 -8.05 3.07
CA ASP A 852 -5.82 -8.28 3.14
C ASP A 852 -5.33 -7.85 4.51
N PHE A 853 -4.99 -8.81 5.36
CA PHE A 853 -4.57 -8.52 6.73
C PHE A 853 -3.13 -8.03 6.76
N LEU A 854 -2.91 -6.89 7.41
CA LEU A 854 -1.60 -6.24 7.42
C LEU A 854 -0.97 -6.13 8.82
N GLY A 855 -1.54 -6.80 9.83
CA GLY A 855 -0.91 -6.87 11.15
C GLY A 855 -1.37 -5.79 12.11
N ARG A 856 -0.84 -5.84 13.34
CA ARG A 856 -1.20 -4.84 14.34
C ARG A 856 -0.64 -3.48 13.93
N GLY A 857 -1.34 -2.41 14.32
CA GLY A 857 -0.94 -1.09 13.92
C GLY A 857 0.35 -0.61 14.60
N ASP A 858 0.72 -1.19 15.73
CA ASP A 858 1.85 -0.66 16.48
C ASP A 858 3.18 -1.01 15.81
N ASN A 859 3.43 -2.30 15.56
CA ASN A 859 4.71 -2.72 14.96
C ASN A 859 4.56 -2.78 13.43
N GLN A 860 4.54 -1.60 12.82
CA GLN A 860 4.48 -1.48 11.36
C GLN A 860 5.68 -0.76 10.76
N VAL A 861 6.69 -0.44 11.57
CA VAL A 861 8.05 -0.02 11.19
C VAL A 861 8.08 1.15 10.20
N LYS A 862 9.29 1.53 9.78
CA LYS A 862 9.53 2.83 9.16
C LYS A 862 10.82 2.81 8.37
N LEU A 863 10.86 3.61 7.29
CA LEU A 863 12.09 3.88 6.55
C LEU A 863 11.75 4.95 5.52
N ARG A 864 12.77 5.52 4.90
CA ARG A 864 12.52 6.47 3.82
C ARG A 864 12.13 5.72 2.54
N GLY A 865 11.59 6.48 1.59
CA GLY A 865 10.94 5.90 0.43
C GLY A 865 9.45 5.85 0.62
N PHE A 866 9.01 5.12 1.65
CA PHE A 866 7.62 5.11 2.10
C PHE A 866 7.55 4.37 3.43
N ARG A 867 7.19 5.10 4.49
CA ARG A 867 7.09 4.52 5.83
C ARG A 867 5.82 3.70 5.97
N ILE A 868 5.90 2.40 5.64
CA ILE A 868 4.89 1.44 6.07
C ILE A 868 5.52 0.13 6.52
N GLU A 869 4.73 -0.93 6.45
CA GLU A 869 4.95 -2.16 7.16
C GLU A 869 5.77 -3.16 6.35
N LEU A 870 6.11 -4.26 7.03
CA LEU A 870 6.79 -5.40 6.44
C LEU A 870 5.82 -6.55 6.23
N GLY A 871 6.08 -7.71 6.82
CA GLY A 871 5.24 -8.87 6.57
C GLY A 871 5.25 -9.29 5.12
N GLU A 872 6.30 -8.96 4.39
CA GLU A 872 6.37 -9.23 2.95
C GLU A 872 7.24 -10.45 2.66
N ILE A 873 6.91 -11.55 3.34
CA ILE A 873 7.50 -12.84 3.03
C ILE A 873 6.99 -13.43 1.73
N GLU A 874 5.96 -12.82 1.13
CA GLU A 874 5.34 -13.35 -0.07
C GLU A 874 6.33 -13.57 -1.20
N ALA A 875 7.52 -12.98 -1.11
CA ALA A 875 8.56 -13.17 -2.11
C ALA A 875 9.13 -14.58 -2.06
N ALA A 886 10.18 -17.64 4.72
CA ALA A 886 11.19 -16.65 5.10
C ALA A 886 10.60 -15.61 6.06
N VAL A 887 11.47 -14.77 6.63
CA VAL A 887 11.06 -13.71 7.54
C VAL A 887 11.92 -12.47 7.30
N VAL A 888 11.32 -11.30 7.51
CA VAL A 888 11.99 -10.00 7.45
C VAL A 888 12.00 -9.38 8.84
N LYS A 889 13.07 -8.63 9.14
CA LYS A 889 13.30 -8.08 10.46
C LYS A 889 13.85 -6.66 10.34
N VAL A 890 13.84 -5.94 11.45
CA VAL A 890 14.45 -4.63 11.60
C VAL A 890 15.47 -4.74 12.73
N TRP A 891 16.76 -4.74 12.37
CA TRP A 891 17.84 -4.93 13.36
C TRP A 891 18.43 -3.58 13.74
N GLU A 892 17.78 -2.90 14.67
CA GLU A 892 18.31 -1.60 15.12
C GLU A 892 19.75 -1.73 15.62
N ASP A 893 20.69 -1.14 14.90
CA ASP A 893 22.09 -1.08 15.34
C ASP A 893 22.37 0.29 15.96
N SER A 894 23.52 0.37 16.64
CA SER A 894 23.87 1.59 17.38
C SER A 894 23.96 2.83 16.51
N TYR A 895 23.84 2.69 15.18
CA TYR A 895 23.55 3.84 14.33
C TYR A 895 22.29 4.54 14.78
N ARG A 896 21.21 3.77 14.97
CA ARG A 896 19.84 4.25 14.87
C ARG A 896 19.55 4.79 13.47
N ASN A 897 20.18 4.15 12.48
CA ASN A 897 19.97 4.41 11.05
C ASN A 897 20.06 3.06 10.35
N LYS A 898 18.98 2.65 9.68
CA LYS A 898 18.73 1.22 9.54
C LYS A 898 18.31 0.83 8.12
N ARG A 899 18.25 -0.49 7.91
CA ARG A 899 18.02 -1.14 6.63
C ARG A 899 17.33 -2.48 6.88
N LEU A 900 16.63 -2.97 5.85
CA LEU A 900 15.80 -4.15 6.00
C LEU A 900 16.61 -5.44 5.83
N VAL A 901 16.27 -6.45 6.63
CA VAL A 901 17.05 -7.68 6.73
C VAL A 901 16.15 -8.88 6.44
N ALA A 902 16.67 -9.84 5.67
CA ALA A 902 15.96 -11.05 5.31
C ALA A 902 16.59 -12.26 6.00
N TYR A 903 15.81 -13.34 6.10
CA TYR A 903 16.24 -14.59 6.73
C TYR A 903 15.66 -15.75 5.93
N LEU A 904 16.46 -16.25 4.98
CA LEU A 904 16.02 -17.26 4.02
C LEU A 904 16.57 -18.63 4.41
N VAL A 905 16.03 -19.67 3.76
CA VAL A 905 16.45 -21.04 4.03
C VAL A 905 16.66 -21.81 2.72
N ALA A 906 15.66 -21.76 1.83
CA ALA A 906 15.64 -22.52 0.59
C ALA A 906 15.60 -24.03 0.86
N GLU A 907 15.78 -24.85 -0.17
CA GLU A 907 15.61 -26.29 -0.04
C GLU A 907 16.87 -27.07 -0.40
N ASN A 908 17.40 -26.93 -1.61
CA ASN A 908 18.55 -27.74 -2.04
C ASN A 908 19.76 -26.86 -2.33
N ASP A 909 19.86 -26.38 -3.57
CA ASP A 909 20.98 -25.58 -4.00
C ASP A 909 20.75 -24.11 -3.62
N PRO A 910 21.81 -23.29 -3.60
CA PRO A 910 21.65 -21.89 -3.21
C PRO A 910 20.79 -21.12 -4.20
N ILE A 911 20.46 -19.90 -3.79
CA ILE A 911 19.67 -18.96 -4.60
C ILE A 911 20.53 -17.73 -4.85
N ASN A 912 20.59 -17.29 -6.11
CA ASN A 912 21.21 -16.01 -6.41
C ASN A 912 20.44 -14.90 -5.70
N THR A 913 21.00 -14.40 -4.59
CA THR A 913 20.28 -13.46 -3.75
C THR A 913 19.90 -12.19 -4.51
N GLU A 914 20.67 -11.84 -5.55
CA GLU A 914 20.34 -10.64 -6.32
C GLU A 914 19.16 -10.90 -7.24
N ASP A 915 19.07 -12.11 -7.82
CA ASP A 915 17.89 -12.48 -8.59
C ASP A 915 16.62 -12.36 -7.74
N LEU A 916 16.75 -12.54 -6.43
CA LEU A 916 15.61 -12.40 -5.51
C LEU A 916 15.23 -10.95 -5.25
N ARG A 917 16.03 -9.99 -5.71
CA ARG A 917 15.72 -8.57 -5.57
C ARG A 917 15.13 -7.99 -6.85
N ARG A 918 15.77 -8.27 -8.00
CA ARG A 918 15.24 -7.81 -9.28
C ARG A 918 13.90 -8.46 -9.60
N PHE A 919 13.72 -9.72 -9.19
CA PHE A 919 12.43 -10.37 -9.32
C PHE A 919 11.34 -9.59 -8.59
N LEU A 920 11.70 -8.97 -7.46
CA LEU A 920 10.77 -8.12 -6.73
C LEU A 920 10.81 -6.67 -7.19
N GLY A 921 11.86 -6.27 -7.92
CA GLY A 921 11.96 -4.89 -8.36
C GLY A 921 10.78 -4.47 -9.22
N GLN A 922 10.38 -5.32 -10.16
CA GLN A 922 9.25 -5.02 -11.03
C GLN A 922 7.91 -5.45 -10.44
N LYS A 923 7.92 -6.17 -9.33
CA LYS A 923 6.69 -6.60 -8.66
C LYS A 923 6.41 -5.87 -7.36
N LEU A 924 7.45 -5.46 -6.64
CA LEU A 924 7.32 -4.79 -5.35
C LEU A 924 8.10 -3.48 -5.37
N PRO A 925 7.70 -2.52 -4.54
CA PRO A 925 8.39 -1.23 -4.53
C PRO A 925 9.79 -1.32 -3.94
N GLU A 926 10.65 -0.37 -4.35
CA GLU A 926 12.07 -0.47 -4.06
C GLU A 926 12.38 -0.17 -2.60
N TYR A 927 11.66 0.77 -1.99
CA TYR A 927 11.91 1.09 -0.58
C TYR A 927 11.66 -0.11 0.31
N MET A 928 10.74 -1.01 -0.08
CA MET A 928 10.47 -2.22 0.68
C MET A 928 11.52 -3.29 0.43
N ILE A 929 12.15 -3.30 -0.72
CA ILE A 929 13.09 -4.36 -1.06
C ILE A 929 14.31 -4.26 -0.15
N PRO A 930 14.69 -5.32 0.56
CA PRO A 930 15.81 -5.23 1.51
C PRO A 930 17.15 -5.25 0.80
N ALA A 931 18.18 -4.86 1.55
CA ALA A 931 19.55 -4.87 1.06
C ALA A 931 20.40 -5.97 1.68
N LEU A 932 19.96 -6.58 2.76
CA LEU A 932 20.72 -7.62 3.46
C LEU A 932 19.95 -8.93 3.42
N PHE A 933 20.62 -9.99 2.96
CA PHE A 933 20.10 -11.34 2.98
C PHE A 933 20.89 -12.18 3.98
N VAL A 934 20.24 -13.20 4.53
CA VAL A 934 20.89 -14.17 5.40
C VAL A 934 20.37 -15.56 5.03
N SER A 935 21.27 -16.47 4.69
CA SER A 935 20.91 -17.85 4.34
C SER A 935 21.02 -18.70 5.59
N LEU A 936 19.88 -19.15 6.10
CA LEU A 936 19.80 -19.85 7.38
C LEU A 936 19.24 -21.25 7.19
N GLU A 937 18.98 -21.91 8.33
CA GLU A 937 18.27 -23.18 8.38
C GLU A 937 17.26 -23.15 9.51
N ALA A 938 17.75 -23.06 10.75
CA ALA A 938 16.91 -23.17 11.93
C ALA A 938 16.39 -21.79 12.33
N LEU A 939 15.10 -21.56 12.13
CA LEU A 939 14.39 -20.36 12.57
C LEU A 939 13.85 -20.56 13.98
N PRO A 940 13.60 -19.48 14.71
CA PRO A 940 13.25 -19.62 16.14
C PRO A 940 11.77 -19.82 16.39
N LEU A 941 11.51 -20.41 17.56
CA LEU A 941 10.21 -20.83 18.07
C LEU A 941 10.49 -21.48 19.41
N THR A 942 9.81 -21.07 20.49
CA THR A 942 10.25 -21.69 21.73
C THR A 942 9.34 -22.86 22.15
N PRO A 943 8.07 -22.94 21.70
CA PRO A 943 7.37 -24.23 21.80
C PRO A 943 6.84 -24.67 20.44
N ASN A 944 5.58 -24.35 20.18
CA ASN A 944 5.01 -24.44 18.84
C ASN A 944 4.18 -23.20 18.50
N GLY A 945 4.24 -22.15 19.30
CA GLY A 945 3.49 -20.94 19.04
C GLY A 945 4.32 -19.68 19.17
N LYS A 946 4.85 -19.44 20.36
CA LYS A 946 5.69 -18.27 20.59
C LYS A 946 6.90 -18.29 19.66
N ILE A 947 6.97 -17.29 18.78
CA ILE A 947 8.14 -17.06 17.95
C ILE A 947 8.99 -16.00 18.61
N ASP A 948 10.28 -16.00 18.33
CA ASP A 948 11.20 -15.04 18.93
C ASP A 948 11.89 -14.27 17.82
N ARG A 949 11.32 -13.11 17.46
CA ARG A 949 11.94 -12.25 16.47
C ARG A 949 13.30 -11.75 16.93
N SER A 950 13.42 -11.38 18.21
CA SER A 950 14.65 -10.82 18.74
C SER A 950 15.80 -11.82 18.77
N ARG A 951 15.51 -13.12 18.62
CA ARG A 951 16.54 -14.14 18.55
C ARG A 951 16.78 -14.58 17.10
N LEU A 952 16.99 -13.62 16.22
CA LEU A 952 17.37 -13.92 14.86
C LEU A 952 18.82 -13.48 14.63
N PRO A 953 19.58 -14.24 13.84
CA PRO A 953 21.03 -13.99 13.78
C PRO A 953 21.39 -12.66 13.15
N ILE A 954 21.93 -11.76 13.97
CA ILE A 954 22.43 -10.46 13.53
C ILE A 954 23.53 -10.70 12.51
N PRO A 955 23.42 -10.17 11.30
CA PRO A 955 24.39 -10.50 10.25
C PRO A 955 25.67 -9.71 10.40
N GLU A 956 26.64 -10.05 9.55
CA GLU A 956 27.89 -9.33 9.43
C GLU A 956 27.94 -8.63 8.08
N ILE A 957 28.50 -7.42 8.07
CA ILE A 957 28.63 -6.63 6.85
C ILE A 957 29.37 -7.49 5.82
N PRO A 958 28.85 -7.61 4.60
CA PRO A 958 29.48 -8.52 3.62
C PRO A 958 30.95 -8.27 3.38
N SER A 959 31.42 -7.02 3.53
CA SER A 959 32.83 -6.73 3.35
C SER A 959 33.61 -7.17 4.59
N THR A 960 34.92 -6.87 4.59
CA THR A 960 35.93 -7.37 5.52
C THR A 960 36.27 -8.82 5.22
N SER A 961 37.31 -9.36 5.87
CA SER A 961 38.01 -10.59 5.48
C SER A 961 38.64 -10.39 4.12
N GLU A 962 37.85 -9.91 3.15
CA GLU A 962 38.35 -9.46 1.86
C GLU A 962 38.34 -7.93 1.91
N GLN A 963 39.46 -7.35 2.37
CA GLN A 963 39.55 -5.91 2.57
C GLN A 963 39.51 -5.17 1.25
N ASP A 964 40.58 -5.27 0.45
CA ASP A 964 40.55 -4.77 -0.91
C ASP A 964 40.14 -5.87 -1.89
N PHE A 965 39.04 -6.53 -1.56
CA PHE A 965 38.36 -7.48 -2.43
C PHE A 965 38.25 -6.92 -3.83
N VAL A 966 39.08 -7.38 -4.75
CA VAL A 966 39.02 -6.90 -6.13
C VAL A 966 39.28 -8.06 -7.08
N PRO A 967 38.27 -8.87 -7.38
CA PRO A 967 38.42 -9.84 -8.47
C PRO A 967 38.60 -9.12 -9.78
N PRO A 968 39.61 -9.48 -10.56
CA PRO A 968 39.77 -8.88 -11.88
C PRO A 968 38.52 -9.04 -12.73
N HIS A 969 38.37 -8.17 -13.71
CA HIS A 969 37.17 -8.03 -14.52
C HIS A 969 37.50 -8.19 -16.00
N THR A 970 37.16 -9.38 -16.54
CA THR A 970 37.62 -9.84 -17.84
C THR A 970 36.53 -10.16 -18.86
N GLN A 971 35.29 -10.42 -18.43
CA GLN A 971 34.23 -10.66 -19.43
C GLN A 971 33.59 -9.32 -19.80
N LYS A 972 34.39 -8.48 -20.44
CA LYS A 972 33.96 -7.19 -20.99
C LYS A 972 33.54 -6.19 -19.94
N GLU A 973 33.67 -6.51 -18.67
CA GLU A 973 33.54 -5.46 -17.67
C GLU A 973 34.58 -4.38 -17.95
N LYS A 974 35.72 -4.81 -18.51
CA LYS A 974 36.79 -3.97 -19.08
C LYS A 974 36.36 -2.55 -19.35
N ILE A 975 35.45 -2.40 -20.32
CA ILE A 975 35.01 -1.08 -20.75
C ILE A 975 34.02 -0.49 -19.75
N LEU A 976 33.16 -1.32 -19.16
CA LEU A 976 32.21 -0.83 -18.16
C LEU A 976 32.94 -0.32 -16.92
N ALA A 977 33.91 -1.10 -16.43
CA ALA A 977 34.69 -0.69 -15.27
C ALA A 977 35.44 0.59 -15.56
N SER A 978 36.08 0.67 -16.73
CA SER A 978 36.68 1.93 -17.14
C SER A 978 35.72 3.06 -16.82
N ILE A 979 34.51 2.99 -17.38
CA ILE A 979 33.55 4.09 -17.36
C ILE A 979 33.11 4.44 -15.94
N TRP A 980 32.72 3.44 -15.14
CA TRP A 980 32.40 3.69 -13.74
C TRP A 980 33.52 4.45 -13.06
N GLN A 981 34.76 4.01 -13.31
CA GLN A 981 35.90 4.64 -12.69
C GLN A 981 35.99 6.12 -13.04
N ASP A 982 35.66 6.53 -14.29
CA ASP A 982 36.08 7.90 -14.62
C ASP A 982 35.07 8.83 -14.00
N ILE A 983 33.79 8.44 -14.06
CA ILE A 983 32.67 9.30 -13.67
C ILE A 983 32.45 9.31 -12.16
N LEU A 984 32.86 8.25 -11.45
CA LEU A 984 32.58 8.14 -10.02
C LEU A 984 33.79 8.45 -9.14
N SER A 985 34.95 8.74 -9.73
CA SER A 985 36.15 9.21 -9.03
C SER A 985 36.73 8.17 -8.08
N ILE A 986 36.35 6.90 -8.21
CA ILE A 986 36.90 5.82 -7.42
C ILE A 986 37.94 5.05 -8.22
N LYS A 987 38.94 4.52 -7.50
CA LYS A 987 40.18 3.99 -8.09
C LYS A 987 39.90 2.91 -9.13
N GLN A 988 39.42 1.75 -8.67
CA GLN A 988 38.93 0.73 -9.58
C GLN A 988 37.86 -0.09 -8.88
N VAL A 989 37.00 -0.71 -9.67
CA VAL A 989 35.80 -1.37 -9.16
C VAL A 989 36.01 -2.88 -9.12
N SER A 990 35.32 -3.53 -8.19
CA SER A 990 35.19 -4.97 -8.16
C SER A 990 34.05 -5.41 -9.05
N ARG A 991 34.18 -6.62 -9.62
CA ARG A 991 33.20 -7.09 -10.59
C ARG A 991 31.84 -7.38 -9.97
N TYR A 992 31.78 -7.64 -8.65
CA TYR A 992 30.52 -7.92 -7.98
C TYR A 992 30.01 -6.72 -7.19
N ASP A 993 30.45 -5.51 -7.52
CA ASP A 993 30.04 -4.31 -6.81
C ASP A 993 28.74 -3.75 -7.38
N ARG A 994 27.98 -3.07 -6.53
CA ARG A 994 26.68 -2.53 -6.89
C ARG A 994 26.79 -1.04 -7.20
N PHE A 995 26.00 -0.60 -8.18
CA PHE A 995 26.13 0.76 -8.71
C PHE A 995 25.74 1.81 -7.67
N PHE A 996 24.59 1.64 -7.02
CA PHE A 996 24.14 2.62 -6.04
C PHE A 996 25.00 2.64 -4.80
N GLU A 997 25.69 1.54 -4.49
CA GLU A 997 26.50 1.48 -3.27
C GLU A 997 27.84 2.19 -3.44
N VAL A 998 28.33 2.32 -4.67
CA VAL A 998 29.57 3.03 -4.92
C VAL A 998 29.27 4.48 -5.29
N GLY A 999 28.02 4.90 -5.05
CA GLY A 999 27.66 6.29 -5.18
C GLY A 999 27.08 6.72 -6.50
N GLY A 1000 26.38 5.83 -7.21
CA GLY A 1000 25.73 6.17 -8.46
C GLY A 1000 24.27 6.49 -8.26
N ASP A 1001 23.73 7.36 -9.10
CA ASP A 1001 22.35 7.82 -8.95
C ASP A 1001 21.71 7.89 -10.34
N SER A 1002 20.49 8.42 -10.37
CA SER A 1002 19.72 8.50 -11.62
C SER A 1002 20.43 9.39 -12.63
N ILE A 1003 20.87 10.57 -12.18
CA ILE A 1003 21.56 11.52 -13.03
C ILE A 1003 22.89 10.98 -13.54
N ILE A 1004 23.57 10.17 -12.73
CA ILE A 1004 24.81 9.57 -13.20
C ILE A 1004 24.53 8.42 -14.18
N SER A 1005 23.39 7.76 -14.04
CA SER A 1005 23.06 6.64 -14.92
C SER A 1005 23.09 7.05 -16.39
N ILE A 1006 22.68 8.29 -16.69
CA ILE A 1006 22.70 8.77 -18.07
C ILE A 1006 24.12 8.77 -18.62
N GLN A 1007 24.99 9.59 -18.03
CA GLN A 1007 26.39 9.63 -18.45
C GLN A 1007 27.11 8.29 -18.32
N VAL A 1008 26.51 7.29 -17.65
CA VAL A 1008 27.06 5.94 -17.79
C VAL A 1008 26.60 5.31 -19.10
N VAL A 1009 25.31 5.45 -19.42
CA VAL A 1009 24.81 4.96 -20.71
C VAL A 1009 25.49 5.69 -21.86
N ALA A 1010 25.73 6.99 -21.70
CA ALA A 1010 26.25 7.80 -22.80
C ALA A 1010 27.73 7.53 -23.05
N ARG A 1011 28.53 7.48 -21.99
CA ARG A 1011 29.94 7.16 -22.16
C ARG A 1011 30.14 5.70 -22.55
N ALA A 1012 29.15 4.84 -22.29
CA ALA A 1012 29.14 3.50 -22.85
C ALA A 1012 28.75 3.49 -24.31
N ARG A 1013 28.15 4.57 -24.81
CA ARG A 1013 27.64 4.59 -26.18
C ARG A 1013 28.79 4.66 -27.18
N GLN A 1014 29.62 5.71 -27.10
CA GLN A 1014 30.79 5.78 -27.97
C GLN A 1014 31.83 4.71 -27.66
N ALA A 1015 31.69 4.00 -26.54
CA ALA A 1015 32.56 2.87 -26.23
C ALA A 1015 32.04 1.57 -26.83
N GLY A 1016 30.97 1.63 -27.61
CA GLY A 1016 30.46 0.47 -28.32
C GLY A 1016 29.37 -0.32 -27.63
N LEU A 1017 28.81 0.20 -26.54
CA LEU A 1017 27.84 -0.55 -25.75
C LEU A 1017 26.52 0.22 -25.65
N LYS A 1018 25.43 -0.53 -25.69
CA LYS A 1018 24.09 0.02 -25.50
C LYS A 1018 23.53 -0.54 -24.20
N ILE A 1019 23.19 0.36 -23.28
CA ILE A 1019 22.56 0.00 -22.02
C ILE A 1019 21.45 1.00 -21.72
N THR A 1020 20.48 0.56 -20.95
CA THR A 1020 19.41 1.44 -20.52
C THR A 1020 19.60 1.81 -19.05
N PRO A 1021 19.10 2.98 -18.64
CA PRO A 1021 19.02 3.26 -17.20
C PRO A 1021 18.19 2.23 -16.46
N LYS A 1022 17.21 1.61 -17.13
CA LYS A 1022 16.44 0.53 -16.50
C LYS A 1022 17.32 -0.69 -16.27
N GLN A 1023 18.23 -0.98 -17.20
CA GLN A 1023 19.16 -2.09 -16.99
C GLN A 1023 20.10 -1.82 -15.82
N ILE A 1024 20.42 -0.55 -15.58
CA ILE A 1024 21.28 -0.20 -14.45
C ILE A 1024 20.56 -0.45 -13.13
N PHE A 1025 19.27 -0.12 -13.07
CA PHE A 1025 18.54 -0.18 -11.80
C PHE A 1025 18.08 -1.58 -11.46
N GLU A 1026 18.04 -2.49 -12.43
CA GLU A 1026 17.69 -3.88 -12.17
C GLU A 1026 18.86 -4.84 -12.28
N TYR A 1027 19.95 -4.44 -12.95
CA TYR A 1027 21.23 -5.14 -12.91
C TYR A 1027 22.30 -4.13 -12.44
N PRO A 1028 22.28 -3.73 -11.17
CA PRO A 1028 23.22 -2.71 -10.70
C PRO A 1028 24.63 -3.23 -10.48
N THR A 1029 24.80 -4.52 -10.22
CA THR A 1029 26.11 -5.13 -10.22
C THR A 1029 26.78 -4.99 -11.58
N LEU A 1030 28.09 -4.78 -11.57
CA LEU A 1030 28.86 -4.72 -12.81
C LEU A 1030 28.83 -6.05 -13.54
N ALA A 1031 28.61 -7.15 -12.82
CA ALA A 1031 28.57 -8.48 -13.41
C ALA A 1031 27.37 -8.65 -14.33
N GLU A 1032 26.17 -8.67 -13.74
CA GLU A 1032 24.96 -8.91 -14.53
C GLU A 1032 24.65 -7.77 -15.49
N LEU A 1033 25.17 -6.56 -15.24
CA LEU A 1033 24.99 -5.47 -16.19
C LEU A 1033 25.82 -5.67 -17.45
N ALA A 1034 26.97 -6.34 -17.33
CA ALA A 1034 27.85 -6.51 -18.48
C ALA A 1034 27.28 -7.49 -19.50
N THR A 1035 26.53 -8.50 -19.04
CA THR A 1035 25.96 -9.47 -19.97
C THR A 1035 24.81 -8.86 -20.76
N VAL A 1036 23.85 -8.23 -20.08
CA VAL A 1036 22.73 -7.59 -20.76
C VAL A 1036 23.16 -6.44 -21.65
N ALA A 1037 24.42 -6.02 -21.57
CA ALA A 1037 24.95 -5.02 -22.47
C ALA A 1037 25.04 -5.59 -23.89
N ASP A 1038 24.96 -4.70 -24.88
CA ASP A 1038 24.85 -5.10 -26.27
C ASP A 1038 25.95 -4.44 -27.10
N TYR A 1039 26.13 -4.93 -28.33
CA TYR A 1039 27.11 -4.42 -29.27
C TYR A 1039 26.49 -3.77 -30.49
N SER A 1040 25.57 -4.46 -31.16
CA SER A 1040 24.82 -3.93 -32.30
C SER A 1040 25.74 -3.61 -33.48
N THR A 1041 26.74 -4.46 -33.70
CA THR A 1041 27.64 -4.36 -34.86
C THR A 1041 28.27 -2.98 -35.02
PG ATP B . -0.07 -9.65 14.71
O1G ATP B . -1.53 -9.25 14.70
O2G ATP B . 0.79 -8.90 13.72
O3G ATP B . 0.53 -9.75 16.09
PB ATP B . -0.46 -11.59 12.69
O1B ATP B . -0.17 -10.44 11.75
O2B ATP B . 0.18 -12.93 12.41
O3B ATP B . -0.08 -11.16 14.19
PA ATP B . -2.73 -13.21 13.11
O1A ATP B . -2.59 -13.48 14.59
O2A ATP B . -2.24 -14.20 12.10
O3A ATP B . -2.05 -11.77 12.81
O5' ATP B . -4.29 -13.00 12.78
C5' ATP B . -5.07 -14.17 12.50
C4' ATP B . -5.28 -14.24 10.99
O4' ATP B . -4.47 -13.26 10.34
C3' ATP B . -4.86 -15.60 10.44
O3' ATP B . -5.93 -16.15 9.67
C2' ATP B . -3.71 -15.32 9.51
O2' ATP B . -3.79 -16.13 8.34
C1' ATP B . -3.87 -13.85 9.18
N9 ATP B . -2.56 -13.23 8.84
C8 ATP B . -1.68 -12.65 9.69
N7 ATP B . -0.59 -12.19 9.02
C5 ATP B . -0.77 -12.48 7.72
C6 ATP B . 0.00 -12.28 6.46
N6 ATP B . 1.20 -11.65 6.47
N1 ATP B . -0.55 -12.73 5.31
C2 ATP B . -1.75 -13.35 5.29
N3 ATP B . -2.49 -13.57 6.39
C4 ATP B . -2.06 -13.16 7.60
O23 PNS C . 16.48 8.46 -8.69
P24 PNS C . 17.17 9.53 -9.51
O26 PNS C . 17.99 10.42 -8.61
O27 PNS C . 16.04 10.43 -10.28
C28 PNS C . 15.82 11.74 -9.82
C29 PNS C . 14.59 12.31 -10.53
C30 PNS C . 13.37 11.49 -10.16
C31 PNS C . 14.81 12.24 -12.03
C32 PNS C . 14.42 13.75 -10.04
O33 PNS C . 15.66 14.29 -9.68
C34 PNS C . 13.77 14.66 -11.09
O35 PNS C . 14.44 15.24 -11.88
N36 PNS C . 12.33 14.81 -11.11
C37 PNS C . 11.71 15.66 -12.11
C38 PNS C . 10.94 16.81 -11.46
C39 PNS C . 9.84 17.20 -12.42
O40 PNS C . 9.17 16.34 -12.88
N41 PNS C . 9.62 18.59 -12.78
C42 PNS C . 8.61 19.07 -13.71
C43 PNS C . 7.22 18.45 -13.54
S44 PNS C . 6.26 18.81 -15.05
#